data_4K70
#
_entry.id   4K70
#
_cell.length_a   51.670
_cell.length_b   156.589
_cell.length_c   67.381
_cell.angle_alpha   90.00
_cell.angle_beta   91.33
_cell.angle_gamma   90.00
#
_symmetry.space_group_name_H-M   'P 1 21 1'
#
loop_
_entity.id
_entity.type
_entity.pdbx_description
1 polymer UL37
2 non-polymer GLYCEROL
3 non-polymer 'CALCIUM ION'
4 non-polymer 'SODIUM ION'
5 non-polymer 'CHLORIDE ION'
6 non-polymer 'NICKEL (II) ION'
7 water water
#
_entity_poly.entity_id   1
_entity_poly.type   'polypeptide(L)'
_entity_poly.pdbx_seq_one_letter_code
;GPGSMEALVRALEEADHAVATVVQSRILEFFMAAGRETPAGVRGLWARALRLACRAYVETGTCEAAVLAENLAGLALWRL
RHDWDEGTAPLLELLGVVNGDDTTAALTEAGLRTSAEFGPDAMFRLVSEWCAAFDEALAGARSADDVLAAPRVVPPEQTA
RALVQPRFATLYDMDFVQDGLRYVAQHTNWALPLALAVRQMQNEGLKPLTRALFALTIADEFFHDRQNPTLREQFAEAAR
AVDEAALVPVGEVNATPRTAVEVRVSAALAHGDAYVRELRPGTVARRLRTDQGVLALLDPGAQAVHVAAAADLDHTQVDA
TGVWEAVQASASPLQVVEALVTAGFTRRHCDLLERAVLDRAPRLTDAQRAVGCTAVVGGVVHRLLDDYGPGLDYVRAYTD
VADTLEPLYGDVTAALGLPEKGVEHVVRHCMAPRPPTEHVGAARAALLREVAAAERRAGLAHSAAREALNTWLAFRAQSR
WGLRADGAGETPMEAPTSAA
;
_entity_poly.pdbx_strand_id   A,B
#
# COMPACT_ATOMS: atom_id res chain seq x y z
N PRO A 2 2.66 25.18 -2.25
CA PRO A 2 4.01 24.71 -1.94
C PRO A 2 4.60 23.86 -3.07
N GLY A 3 3.74 23.43 -3.99
CA GLY A 3 4.16 22.60 -5.10
C GLY A 3 4.61 23.45 -6.27
N SER A 4 4.86 22.78 -7.40
CA SER A 4 5.25 23.46 -8.63
C SER A 4 4.21 24.53 -9.04
N MET A 5 2.96 24.10 -9.19
CA MET A 5 1.90 24.96 -9.70
C MET A 5 1.64 26.14 -8.77
N GLU A 6 1.76 25.90 -7.47
CA GLU A 6 1.53 26.92 -6.46
C GLU A 6 2.54 28.05 -6.63
N ALA A 7 3.82 27.68 -6.70
CA ALA A 7 4.89 28.62 -6.91
C ALA A 7 4.71 29.38 -8.23
N LEU A 8 4.28 28.68 -9.27
CA LEU A 8 4.05 29.29 -10.58
C LEU A 8 2.94 30.35 -10.52
N VAL A 9 1.78 29.96 -9.99
CA VAL A 9 0.65 30.88 -9.91
C VAL A 9 1.05 32.15 -9.19
N ARG A 10 1.72 31.98 -8.05
CA ARG A 10 2.26 33.11 -7.30
C ARG A 10 3.17 33.96 -8.18
N ALA A 11 4.25 33.37 -8.67
CA ALA A 11 5.23 34.07 -9.49
C ALA A 11 4.61 34.85 -10.65
N LEU A 12 3.64 34.28 -11.33
CA LEU A 12 2.98 34.93 -12.44
C LEU A 12 2.04 36.00 -11.95
N GLU A 13 1.81 35.99 -10.66
CA GLU A 13 0.88 36.88 -10.03
C GLU A 13 1.65 37.98 -9.32
N GLU A 14 2.84 38.24 -9.83
CA GLU A 14 3.69 39.30 -9.36
C GLU A 14 3.84 40.33 -10.48
N ALA A 15 2.93 40.28 -11.44
CA ALA A 15 2.86 41.23 -12.55
C ALA A 15 4.12 41.26 -13.45
N ASP A 16 4.66 42.43 -13.73
CA ASP A 16 5.89 42.51 -14.51
C ASP A 16 5.83 42.15 -15.99
N HIS A 17 4.72 42.40 -16.65
CA HIS A 17 4.52 41.90 -18.00
C HIS A 17 5.09 42.73 -19.14
N ALA A 18 5.46 43.96 -18.85
CA ALA A 18 6.12 44.80 -19.84
C ALA A 18 7.58 44.41 -19.94
N VAL A 19 7.97 43.42 -19.14
CA VAL A 19 9.33 42.91 -19.14
C VAL A 19 9.30 41.40 -19.34
N ALA A 20 9.20 41.01 -20.60
CA ALA A 20 9.08 39.59 -20.95
C ALA A 20 10.14 38.70 -20.30
N THR A 21 11.23 39.31 -19.83
CA THR A 21 12.35 38.55 -19.25
C THR A 21 12.08 38.00 -17.84
N VAL A 22 11.34 38.74 -17.02
CA VAL A 22 10.95 38.21 -15.70
C VAL A 22 9.96 37.05 -15.87
N VAL A 23 8.97 37.25 -16.73
CA VAL A 23 7.98 36.22 -17.04
C VAL A 23 8.67 34.92 -17.49
N GLN A 24 9.75 35.06 -18.26
CA GLN A 24 10.47 33.89 -18.77
C GLN A 24 11.21 33.10 -17.68
N SER A 25 11.89 33.82 -16.78
CA SER A 25 12.59 33.17 -15.66
C SER A 25 11.64 32.35 -14.80
N ARG A 26 10.50 32.94 -14.45
CA ARG A 26 9.48 32.26 -13.66
C ARG A 26 8.98 30.99 -14.34
N ILE A 27 8.63 31.10 -15.62
CA ILE A 27 8.14 29.95 -16.37
C ILE A 27 9.23 28.89 -16.47
N LEU A 28 10.45 29.33 -16.75
CA LEU A 28 11.59 28.43 -16.83
C LEU A 28 11.81 27.70 -15.51
N GLU A 29 11.49 28.36 -14.40
CA GLU A 29 11.62 27.74 -13.08
C GLU A 29 10.59 26.63 -12.90
N PHE A 30 9.37 26.88 -13.37
CA PHE A 30 8.34 25.86 -13.31
C PHE A 30 8.76 24.66 -14.14
N PHE A 31 9.34 24.93 -15.32
CA PHE A 31 9.83 23.88 -16.20
C PHE A 31 10.79 22.93 -15.48
N MET A 32 11.48 23.42 -14.45
CA MET A 32 12.46 22.61 -13.75
C MET A 32 12.12 22.31 -12.27
N ALA A 33 10.94 22.74 -11.84
CA ALA A 33 10.54 22.57 -10.45
C ALA A 33 10.45 21.11 -10.02
N ALA A 34 10.52 20.88 -8.71
CA ALA A 34 10.51 19.53 -8.16
C ALA A 34 9.30 19.31 -7.27
N GLY A 35 8.54 20.36 -7.04
CA GLY A 35 7.40 20.30 -6.13
C GLY A 35 6.25 19.43 -6.60
N ARG A 36 5.97 18.37 -5.84
CA ARG A 36 4.83 17.50 -6.12
C ARG A 36 3.51 18.14 -5.72
N GLU A 37 2.44 17.73 -6.41
CA GLU A 37 1.13 18.31 -6.24
C GLU A 37 0.10 17.20 -6.12
N THR A 38 -1.08 17.54 -5.62
CA THR A 38 -2.13 16.55 -5.47
C THR A 38 -3.29 16.92 -6.39
N PRO A 39 -4.15 15.94 -6.69
CA PRO A 39 -5.29 16.17 -7.58
C PRO A 39 -6.18 17.34 -7.12
N ALA A 40 -6.51 17.37 -5.83
CA ALA A 40 -7.29 18.47 -5.27
C ALA A 40 -6.54 19.79 -5.38
N GLY A 41 -5.24 19.74 -5.17
CA GLY A 41 -4.41 20.94 -5.26
C GLY A 41 -4.37 21.50 -6.67
N VAL A 42 -4.10 20.65 -7.64
CA VAL A 42 -4.10 21.09 -9.03
C VAL A 42 -5.48 21.57 -9.44
N ARG A 43 -6.49 20.81 -9.05
CA ARG A 43 -7.88 21.15 -9.34
C ARG A 43 -8.26 22.54 -8.82
N GLY A 44 -7.78 22.90 -7.64
CA GLY A 44 -8.04 24.22 -7.10
C GLY A 44 -7.32 25.35 -7.82
N LEU A 45 -6.19 25.04 -8.44
CA LEU A 45 -5.36 26.07 -9.07
C LEU A 45 -5.42 26.10 -10.59
N TRP A 46 -6.10 25.14 -11.21
CA TRP A 46 -5.97 24.96 -12.65
C TRP A 46 -6.38 26.18 -13.49
N ALA A 47 -7.60 26.67 -13.26
CA ALA A 47 -8.16 27.73 -14.09
C ALA A 47 -7.31 29.00 -14.02
N ARG A 48 -6.90 29.36 -12.80
CA ARG A 48 -6.01 30.50 -12.59
C ARG A 48 -4.65 30.27 -13.24
N ALA A 49 -4.08 29.08 -13.06
CA ALA A 49 -2.80 28.78 -13.66
C ALA A 49 -2.89 28.88 -15.20
N LEU A 50 -3.92 28.27 -15.77
CA LEU A 50 -4.07 28.30 -17.22
C LEU A 50 -4.27 29.73 -17.73
N ARG A 51 -5.12 30.48 -17.04
CA ARG A 51 -5.41 31.86 -17.39
C ARG A 51 -4.16 32.73 -17.33
N LEU A 52 -3.34 32.53 -16.31
CA LEU A 52 -2.10 33.28 -16.14
C LEU A 52 -1.06 32.93 -17.20
N ALA A 53 -1.03 31.67 -17.61
CA ALA A 53 -0.11 31.27 -18.66
C ALA A 53 -0.57 31.85 -20.00
N CYS A 54 -1.87 31.72 -20.27
CA CYS A 54 -2.44 32.27 -21.50
C CYS A 54 -2.23 33.77 -21.57
N ARG A 55 -2.39 34.45 -20.44
CA ARG A 55 -2.17 35.89 -20.40
C ARG A 55 -0.69 36.22 -20.57
N ALA A 56 0.17 35.35 -20.05
CA ALA A 56 1.60 35.55 -20.25
C ALA A 56 1.99 35.57 -21.74
N TYR A 57 1.38 34.69 -22.53
CA TYR A 57 1.70 34.62 -23.95
C TYR A 57 1.14 35.83 -24.68
N VAL A 58 -0.09 36.19 -24.35
CA VAL A 58 -0.74 37.37 -24.91
C VAL A 58 0.12 38.63 -24.76
N GLU A 59 0.74 38.81 -23.59
CA GLU A 59 1.44 40.06 -23.30
C GLU A 59 2.94 40.05 -23.65
N THR A 60 3.55 38.88 -23.70
CA THR A 60 4.99 38.80 -23.99
C THR A 60 5.24 38.10 -25.31
N GLY A 61 4.26 37.33 -25.76
CA GLY A 61 4.39 36.60 -27.02
C GLY A 61 5.56 35.63 -27.03
N THR A 62 6.03 35.26 -25.85
CA THR A 62 7.22 34.44 -25.77
C THR A 62 6.94 32.95 -25.98
N CYS A 63 8.00 32.25 -26.36
CA CYS A 63 7.96 30.84 -26.69
C CYS A 63 7.74 30.01 -25.42
N GLU A 64 8.39 30.42 -24.33
CA GLU A 64 8.19 29.82 -23.02
C GLU A 64 6.72 29.85 -22.60
N ALA A 65 6.10 31.01 -22.74
CA ALA A 65 4.69 31.18 -22.41
C ALA A 65 3.78 30.32 -23.27
N ALA A 66 4.14 30.19 -24.55
CA ALA A 66 3.34 29.39 -25.49
C ALA A 66 3.37 27.94 -25.04
N VAL A 67 4.57 27.44 -24.81
CA VAL A 67 4.81 26.06 -24.37
C VAL A 67 4.10 25.76 -23.05
N LEU A 68 4.28 26.66 -22.09
CA LEU A 68 3.63 26.51 -20.79
C LEU A 68 2.12 26.35 -20.97
N ALA A 69 1.49 27.34 -21.60
CA ALA A 69 0.03 27.35 -21.72
C ALA A 69 -0.49 26.13 -22.46
N GLU A 70 0.14 25.81 -23.60
CA GLU A 70 -0.29 24.69 -24.43
C GLU A 70 -0.05 23.31 -23.78
N ASN A 71 0.99 23.19 -22.96
CA ASN A 71 1.33 21.91 -22.33
C ASN A 71 1.17 21.84 -20.81
N LEU A 72 0.48 22.82 -20.25
CA LEU A 72 0.24 22.90 -18.82
C LEU A 72 -0.46 21.67 -18.27
N ALA A 73 -1.41 21.13 -19.03
CA ALA A 73 -2.10 19.94 -18.56
C ALA A 73 -1.11 18.80 -18.23
N GLY A 74 -0.21 18.52 -19.15
CA GLY A 74 0.76 17.45 -18.96
C GLY A 74 1.79 17.78 -17.91
N LEU A 75 2.29 19.00 -17.92
CA LEU A 75 3.27 19.44 -16.93
C LEU A 75 2.70 19.37 -15.52
N ALA A 76 1.42 19.70 -15.38
CA ALA A 76 0.75 19.69 -14.07
C ALA A 76 0.55 18.25 -13.58
N LEU A 77 0.25 17.35 -14.51
CA LEU A 77 0.00 15.95 -14.16
C LEU A 77 1.30 15.21 -13.84
N TRP A 78 2.42 15.72 -14.36
CA TRP A 78 3.68 14.97 -14.32
C TRP A 78 4.18 14.69 -12.91
N ARG A 79 4.03 15.67 -12.02
CA ARG A 79 4.53 15.51 -10.66
C ARG A 79 3.39 15.29 -9.69
N LEU A 80 2.34 14.61 -10.16
CA LEU A 80 1.13 14.43 -9.37
C LEU A 80 1.27 13.35 -8.29
N ARG A 81 0.86 13.66 -7.06
CA ARG A 81 0.79 12.67 -6.01
C ARG A 81 -0.67 12.33 -5.71
N HIS A 82 -1.09 11.15 -6.17
CA HIS A 82 -2.48 10.74 -6.04
C HIS A 82 -2.58 9.56 -5.09
N ASP A 83 -3.56 9.60 -4.18
CA ASP A 83 -3.74 8.53 -3.23
C ASP A 83 -4.57 7.43 -3.87
N TRP A 84 -3.93 6.34 -4.30
CA TRP A 84 -4.62 5.32 -5.09
C TRP A 84 -5.63 4.48 -4.32
N ASP A 85 -5.59 4.58 -2.99
CA ASP A 85 -6.64 3.99 -2.16
C ASP A 85 -8.02 4.56 -2.47
N GLU A 86 -8.05 5.77 -3.03
CA GLU A 86 -9.30 6.41 -3.43
C GLU A 86 -9.67 6.12 -4.89
N GLY A 87 -8.90 5.29 -5.57
CA GLY A 87 -9.25 4.90 -6.93
C GLY A 87 -9.11 6.00 -7.98
N THR A 88 -9.81 5.83 -9.11
CA THR A 88 -9.67 6.76 -10.22
C THR A 88 -10.49 8.06 -10.11
N ALA A 89 -11.55 8.04 -9.29
CA ALA A 89 -12.50 9.17 -9.26
C ALA A 89 -11.85 10.55 -9.15
N PRO A 90 -10.94 10.74 -8.19
CA PRO A 90 -10.29 12.04 -8.01
C PRO A 90 -9.46 12.48 -9.22
N LEU A 91 -8.88 11.52 -9.95
CA LEU A 91 -8.15 11.85 -11.16
C LEU A 91 -9.09 12.28 -12.25
N LEU A 92 -10.16 11.52 -12.43
CA LEU A 92 -11.16 11.86 -13.42
C LEU A 92 -11.75 13.23 -13.12
N GLU A 93 -11.88 13.54 -11.83
CA GLU A 93 -12.50 14.80 -11.44
C GLU A 93 -11.58 15.97 -11.80
N LEU A 94 -10.28 15.77 -11.66
CA LEU A 94 -9.30 16.76 -12.05
C LEU A 94 -9.27 16.91 -13.58
N LEU A 95 -9.32 15.78 -14.30
CA LEU A 95 -9.38 15.83 -15.76
C LEU A 95 -10.60 16.60 -16.26
N GLY A 96 -11.75 16.41 -15.60
CA GLY A 96 -12.94 17.18 -15.92
C GLY A 96 -12.76 18.69 -15.85
N VAL A 97 -12.04 19.15 -14.83
CA VAL A 97 -11.68 20.57 -14.71
C VAL A 97 -10.69 21.01 -15.80
N VAL A 98 -9.63 20.24 -16.00
CA VAL A 98 -8.61 20.56 -17.01
C VAL A 98 -9.25 20.72 -18.39
N ASN A 99 -10.25 19.89 -18.65
CA ASN A 99 -10.89 19.77 -19.95
C ASN A 99 -12.12 20.67 -20.10
N GLY A 100 -12.40 21.49 -19.08
CA GLY A 100 -13.58 22.33 -19.10
C GLY A 100 -13.60 23.36 -20.22
N ASP A 101 -14.76 23.96 -20.44
CA ASP A 101 -14.90 24.93 -21.53
C ASP A 101 -13.99 26.13 -21.38
N ASP A 102 -13.64 26.51 -20.15
CA ASP A 102 -12.81 27.71 -19.96
C ASP A 102 -11.40 27.53 -20.44
N THR A 103 -10.94 26.29 -20.45
CA THR A 103 -9.60 25.99 -20.88
C THR A 103 -9.47 26.25 -22.38
N THR A 104 -10.45 25.74 -23.13
CA THR A 104 -10.52 25.98 -24.56
C THR A 104 -10.68 27.47 -24.86
N ALA A 105 -11.59 28.12 -24.15
CA ALA A 105 -11.88 29.54 -24.37
C ALA A 105 -10.63 30.38 -24.14
N ALA A 106 -9.87 30.06 -23.11
CA ALA A 106 -8.67 30.84 -22.80
C ALA A 106 -7.56 30.62 -23.81
N LEU A 107 -7.33 29.36 -24.17
CA LEU A 107 -6.30 29.04 -25.16
C LEU A 107 -6.66 29.62 -26.53
N THR A 108 -7.93 29.52 -26.91
CA THR A 108 -8.40 30.00 -28.21
C THR A 108 -8.24 31.51 -28.33
N GLU A 109 -8.75 32.21 -27.32
CA GLU A 109 -8.67 33.67 -27.23
C GLU A 109 -7.23 34.16 -27.23
N ALA A 110 -6.33 33.39 -26.62
CA ALA A 110 -4.90 33.71 -26.68
C ALA A 110 -4.31 33.30 -28.02
N GLY A 111 -5.12 32.66 -28.85
CA GLY A 111 -4.66 32.20 -30.16
C GLY A 111 -3.66 31.05 -30.08
N LEU A 112 -3.88 30.13 -29.13
CA LEU A 112 -3.02 28.96 -28.97
C LEU A 112 -3.84 27.70 -29.16
N ARG A 113 -3.17 26.55 -29.15
CA ARG A 113 -3.84 25.29 -29.43
C ARG A 113 -4.36 24.61 -28.17
N THR A 114 -5.43 23.83 -28.31
CA THR A 114 -5.86 22.93 -27.26
C THR A 114 -5.30 21.53 -27.53
N SER A 115 -4.62 21.38 -28.66
CA SER A 115 -4.33 20.05 -29.20
C SER A 115 -2.89 19.57 -29.08
N ALA A 116 -2.07 20.24 -28.25
CA ALA A 116 -0.70 19.78 -28.05
C ALA A 116 -0.65 18.37 -27.44
N GLU A 117 0.47 17.67 -27.62
CA GLU A 117 0.62 16.31 -27.14
C GLU A 117 0.55 16.24 -25.61
N PHE A 118 0.85 17.35 -24.95
CA PHE A 118 0.64 17.45 -23.49
C PHE A 118 -0.44 18.47 -23.12
N GLY A 119 -1.32 18.74 -24.07
CA GLY A 119 -2.43 19.67 -23.90
C GLY A 119 -3.63 19.01 -23.23
N PRO A 120 -4.68 19.81 -23.02
CA PRO A 120 -5.89 19.38 -22.30
C PRO A 120 -6.68 18.31 -23.03
N ASP A 121 -6.82 18.45 -24.36
CA ASP A 121 -7.54 17.45 -25.15
C ASP A 121 -6.84 16.11 -25.06
N ALA A 122 -5.53 16.13 -25.22
CA ALA A 122 -4.72 14.91 -25.21
C ALA A 122 -4.71 14.28 -23.82
N MET A 123 -4.45 15.09 -22.81
CA MET A 123 -4.40 14.56 -21.44
C MET A 123 -5.75 14.03 -20.98
N PHE A 124 -6.83 14.70 -21.33
CA PHE A 124 -8.16 14.21 -20.98
C PHE A 124 -8.42 12.84 -21.59
N ARG A 125 -8.13 12.70 -22.87
CA ARG A 125 -8.35 11.44 -23.57
C ARG A 125 -7.47 10.30 -23.05
N LEU A 126 -6.15 10.50 -23.03
CA LEU A 126 -5.24 9.42 -22.62
C LEU A 126 -5.37 9.03 -21.14
N VAL A 127 -5.50 10.03 -20.25
CA VAL A 127 -5.57 9.71 -18.84
C VAL A 127 -6.89 9.04 -18.48
N SER A 128 -7.97 9.47 -19.13
CA SER A 128 -9.25 8.80 -19.00
C SER A 128 -9.11 7.34 -19.40
N GLU A 129 -8.49 7.09 -20.55
CA GLU A 129 -8.26 5.73 -21.03
C GLU A 129 -7.39 4.94 -20.08
N TRP A 130 -6.32 5.57 -19.61
CA TRP A 130 -5.42 4.93 -18.66
C TRP A 130 -6.17 4.54 -17.38
N CYS A 131 -6.98 5.45 -16.84
CA CYS A 131 -7.79 5.14 -15.65
C CYS A 131 -8.77 3.99 -15.91
N ALA A 132 -9.33 3.92 -17.11
CA ALA A 132 -10.22 2.81 -17.45
C ALA A 132 -9.45 1.50 -17.41
N ALA A 133 -8.21 1.53 -17.92
CA ALA A 133 -7.35 0.36 -17.88
C ALA A 133 -6.98 0.01 -16.44
N PHE A 134 -6.72 1.02 -15.64
CA PHE A 134 -6.38 0.81 -14.24
C PHE A 134 -7.52 0.05 -13.59
N ASP A 135 -8.74 0.56 -13.73
CA ASP A 135 -9.91 -0.08 -13.15
C ASP A 135 -10.08 -1.52 -13.63
N GLU A 136 -9.87 -1.76 -14.92
CA GLU A 136 -9.95 -3.13 -15.43
C GLU A 136 -8.90 -4.03 -14.79
N ALA A 137 -7.68 -3.52 -14.61
CA ALA A 137 -6.61 -4.31 -14.00
C ALA A 137 -6.93 -4.77 -12.58
N LEU A 138 -7.71 -3.98 -11.85
CA LEU A 138 -8.03 -4.28 -10.46
C LEU A 138 -9.31 -5.07 -10.28
N ALA A 139 -9.99 -5.37 -11.38
CA ALA A 139 -11.28 -6.05 -11.30
C ALA A 139 -11.12 -7.57 -11.27
N GLY A 140 -9.89 -8.04 -11.02
CA GLY A 140 -9.62 -9.45 -10.80
C GLY A 140 -9.89 -9.87 -9.36
N ALA A 141 -9.47 -11.06 -8.97
CA ALA A 141 -9.74 -11.58 -7.63
C ALA A 141 -9.40 -10.54 -6.56
N ARG A 142 -10.23 -10.45 -5.53
CA ARG A 142 -10.07 -9.41 -4.53
C ARG A 142 -9.60 -10.03 -3.24
N SER A 143 -10.00 -11.28 -3.02
CA SER A 143 -9.79 -11.95 -1.76
C SER A 143 -9.24 -13.34 -1.93
N ALA A 144 -8.60 -13.85 -0.89
CA ALA A 144 -8.14 -15.23 -0.89
C ALA A 144 -9.35 -16.16 -1.14
N ASP A 145 -10.50 -15.81 -0.55
CA ASP A 145 -11.72 -16.58 -0.74
C ASP A 145 -12.08 -16.68 -2.23
N ASP A 146 -11.98 -15.56 -2.93
CA ASP A 146 -12.27 -15.51 -4.36
C ASP A 146 -11.33 -16.42 -5.17
N VAL A 147 -10.04 -16.35 -4.87
CA VAL A 147 -9.06 -17.13 -5.63
C VAL A 147 -9.21 -18.63 -5.41
N LEU A 148 -9.51 -19.00 -4.17
CA LEU A 148 -9.73 -20.40 -3.82
C LEU A 148 -10.89 -21.00 -4.63
N ALA A 149 -11.93 -20.17 -4.85
CA ALA A 149 -13.10 -20.59 -5.59
C ALA A 149 -12.82 -20.68 -7.10
N ALA A 150 -12.06 -19.71 -7.61
CA ALA A 150 -11.64 -19.71 -9.01
C ALA A 150 -10.14 -19.45 -9.09
N PRO A 151 -9.34 -20.52 -8.96
CA PRO A 151 -7.87 -20.43 -8.85
C PRO A 151 -7.19 -20.13 -10.17
N ARG A 152 -7.49 -18.98 -10.75
CA ARG A 152 -6.89 -18.57 -12.01
C ARG A 152 -5.42 -18.20 -11.84
N VAL A 153 -4.57 -18.79 -12.68
CA VAL A 153 -3.15 -18.50 -12.68
C VAL A 153 -2.84 -17.43 -13.73
N VAL A 154 -2.40 -16.26 -13.25
CA VAL A 154 -2.12 -15.13 -14.13
C VAL A 154 -0.63 -14.80 -14.15
N PRO A 155 -0.06 -14.62 -15.35
CA PRO A 155 1.34 -14.18 -15.37
C PRO A 155 1.45 -12.77 -14.77
N PRO A 156 2.38 -12.56 -13.82
CA PRO A 156 2.54 -11.26 -13.18
C PRO A 156 2.67 -10.09 -14.17
N GLU A 157 3.21 -10.40 -15.33
CA GLU A 157 3.53 -9.40 -16.35
C GLU A 157 2.27 -8.93 -17.05
N GLN A 158 1.24 -9.76 -17.00
CA GLN A 158 0.02 -9.53 -17.74
C GLN A 158 -0.86 -8.49 -17.08
N THR A 159 -0.75 -8.38 -15.77
CA THR A 159 -1.67 -7.57 -15.03
C THR A 159 -1.61 -6.08 -15.39
N ALA A 160 -0.41 -5.51 -15.46
CA ALA A 160 -0.25 -4.08 -15.70
C ALA A 160 0.04 -3.77 -17.16
N ARG A 161 -0.06 -4.79 -17.98
CA ARG A 161 0.22 -4.70 -19.43
C ARG A 161 -0.43 -3.50 -20.13
N ALA A 162 -1.73 -3.31 -19.95
CA ALA A 162 -2.43 -2.20 -20.61
C ALA A 162 -1.93 -0.83 -20.17
N LEU A 163 -1.35 -0.77 -18.98
CA LEU A 163 -0.99 0.49 -18.34
C LEU A 163 0.33 1.05 -18.82
N VAL A 164 1.17 0.22 -19.44
CA VAL A 164 2.48 0.66 -19.93
C VAL A 164 2.67 0.41 -21.44
N GLN A 165 1.56 0.27 -22.15
CA GLN A 165 1.61 0.15 -23.62
C GLN A 165 2.05 1.48 -24.25
N PRO A 166 2.57 1.41 -25.48
CA PRO A 166 3.17 2.59 -26.14
C PRO A 166 2.21 3.79 -26.26
N ARG A 167 0.93 3.56 -26.45
CA ARG A 167 0.01 4.70 -26.54
C ARG A 167 0.01 5.52 -25.25
N PHE A 168 0.45 4.92 -24.15
CA PHE A 168 0.58 5.63 -22.88
C PHE A 168 2.01 6.03 -22.57
N ALA A 169 2.88 5.96 -23.58
CA ALA A 169 4.28 6.34 -23.39
C ALA A 169 4.49 7.74 -22.83
N THR A 170 3.70 8.72 -23.28
CA THR A 170 3.87 10.07 -22.77
C THR A 170 3.44 10.22 -21.29
N LEU A 171 2.70 9.23 -20.78
CA LEU A 171 2.30 9.24 -19.36
C LEU A 171 3.20 8.45 -18.43
N TYR A 172 4.11 7.66 -19.01
CA TYR A 172 4.86 6.65 -18.25
C TYR A 172 5.70 7.19 -17.10
N ASP A 173 6.49 8.24 -17.35
CA ASP A 173 7.33 8.79 -16.31
C ASP A 173 6.54 9.66 -15.31
N MET A 174 5.23 9.81 -15.49
CA MET A 174 4.48 10.70 -14.58
C MET A 174 4.28 9.99 -13.25
N ASP A 175 4.39 10.74 -12.15
CA ASP A 175 4.36 10.15 -10.82
C ASP A 175 3.11 9.32 -10.54
N PHE A 176 1.94 9.83 -10.91
CA PHE A 176 0.72 9.07 -10.63
C PHE A 176 0.69 7.71 -11.35
N VAL A 177 1.33 7.60 -12.50
CA VAL A 177 1.39 6.33 -13.19
C VAL A 177 2.27 5.32 -12.45
N GLN A 178 3.45 5.78 -12.04
CA GLN A 178 4.39 4.92 -11.32
C GLN A 178 3.85 4.53 -9.94
N ASP A 179 3.12 5.44 -9.30
CA ASP A 179 2.43 5.11 -8.06
C ASP A 179 1.32 4.10 -8.31
N GLY A 180 0.61 4.23 -9.43
CA GLY A 180 -0.49 3.34 -9.76
C GLY A 180 0.01 1.92 -10.05
N LEU A 181 1.15 1.83 -10.73
CA LEU A 181 1.78 0.52 -10.98
C LEU A 181 2.14 -0.19 -9.67
N ARG A 182 2.71 0.55 -8.73
CA ARG A 182 2.97 0.02 -7.39
C ARG A 182 1.72 -0.53 -6.73
N TYR A 183 0.63 0.22 -6.85
CA TYR A 183 -0.64 -0.17 -6.26
C TYR A 183 -1.20 -1.43 -6.89
N VAL A 184 -1.13 -1.52 -8.22
CA VAL A 184 -1.68 -2.67 -8.91
C VAL A 184 -0.93 -3.94 -8.53
N ALA A 185 0.39 -3.85 -8.51
CA ALA A 185 1.26 -4.97 -8.18
C ALA A 185 0.96 -5.45 -6.75
N GLN A 186 0.94 -4.52 -5.81
CA GLN A 186 0.67 -4.86 -4.41
C GLN A 186 -0.68 -5.55 -4.21
N HIS A 187 -1.64 -5.29 -5.09
CA HIS A 187 -2.99 -5.83 -4.95
C HIS A 187 -3.34 -7.03 -5.84
N THR A 188 -2.38 -7.51 -6.62
CA THR A 188 -2.64 -8.63 -7.52
C THR A 188 -1.64 -9.78 -7.43
N ASN A 189 -0.35 -9.47 -7.33
CA ASN A 189 0.71 -10.50 -7.38
C ASN A 189 0.61 -11.62 -6.33
N TRP A 190 0.18 -11.25 -5.13
CA TRP A 190 0.13 -12.16 -3.99
C TRP A 190 -0.69 -13.41 -4.31
N ALA A 191 -1.62 -13.28 -5.25
CA ALA A 191 -2.60 -14.35 -5.52
C ALA A 191 -2.02 -15.52 -6.31
N LEU A 192 -0.92 -15.29 -7.02
CA LEU A 192 -0.35 -16.34 -7.89
C LEU A 192 0.03 -17.62 -7.11
N PRO A 193 0.85 -17.49 -6.05
CA PRO A 193 1.23 -18.65 -5.24
C PRO A 193 0.03 -19.36 -4.60
N LEU A 194 -1.00 -18.61 -4.27
CA LEU A 194 -2.23 -19.19 -3.73
C LEU A 194 -2.93 -20.01 -4.80
N ALA A 195 -3.13 -19.42 -5.98
CA ALA A 195 -3.74 -20.13 -7.11
C ALA A 195 -2.94 -21.40 -7.48
N LEU A 196 -1.63 -21.28 -7.51
CA LEU A 196 -0.78 -22.43 -7.81
C LEU A 196 -0.93 -23.54 -6.76
N ALA A 197 -1.00 -23.18 -5.48
CA ALA A 197 -1.15 -24.20 -4.45
C ALA A 197 -2.52 -24.86 -4.52
N VAL A 198 -3.55 -24.07 -4.80
CA VAL A 198 -4.90 -24.60 -4.96
C VAL A 198 -4.95 -25.63 -6.08
N ARG A 199 -4.27 -25.35 -7.19
CA ARG A 199 -4.25 -26.33 -8.27
C ARG A 199 -3.70 -27.68 -7.85
N GLN A 200 -2.68 -27.67 -6.99
CA GLN A 200 -2.10 -28.93 -6.48
C GLN A 200 -3.04 -29.61 -5.49
N MET A 201 -3.65 -28.83 -4.61
CA MET A 201 -4.62 -29.38 -3.68
C MET A 201 -5.77 -30.09 -4.39
N GLN A 202 -6.13 -29.57 -5.56
CA GLN A 202 -7.28 -30.07 -6.31
C GLN A 202 -6.85 -31.01 -7.45
N ASN A 203 -5.58 -31.37 -7.44
CA ASN A 203 -5.03 -32.23 -8.48
C ASN A 203 -5.24 -33.72 -8.16
N GLU A 204 -6.22 -34.31 -8.84
CA GLU A 204 -6.68 -35.67 -8.57
C GLU A 204 -5.64 -36.72 -8.90
N GLY A 205 -4.58 -36.31 -9.58
CA GLY A 205 -3.49 -37.20 -9.92
C GLY A 205 -2.40 -37.20 -8.86
N LEU A 206 -2.63 -36.44 -7.79
CA LEU A 206 -1.67 -36.39 -6.68
C LEU A 206 -2.16 -37.29 -5.56
N LYS A 207 -1.24 -37.83 -4.76
CA LYS A 207 -1.63 -38.66 -3.62
C LYS A 207 -2.35 -37.84 -2.56
N PRO A 208 -3.25 -38.49 -1.81
CA PRO A 208 -4.00 -37.83 -0.73
C PRO A 208 -3.08 -37.05 0.22
N LEU A 209 -1.96 -37.65 0.65
CA LEU A 209 -1.06 -36.98 1.58
C LEU A 209 -0.52 -35.67 1.00
N THR A 210 -0.10 -35.70 -0.26
CA THR A 210 0.43 -34.52 -0.93
C THR A 210 -0.63 -33.40 -0.92
N ARG A 211 -1.85 -33.77 -1.28
CA ARG A 211 -2.95 -32.81 -1.39
C ARG A 211 -3.29 -32.22 -0.06
N ALA A 212 -3.28 -33.07 0.98
CA ALA A 212 -3.51 -32.60 2.35
C ALA A 212 -2.46 -31.59 2.82
N LEU A 213 -1.20 -31.83 2.49
CA LEU A 213 -0.12 -30.95 2.93
C LEU A 213 -0.21 -29.59 2.22
N PHE A 214 -0.50 -29.62 0.92
CA PHE A 214 -0.72 -28.40 0.17
C PHE A 214 -1.84 -27.55 0.79
N ALA A 215 -2.93 -28.20 1.19
CA ALA A 215 -4.04 -27.49 1.84
C ALA A 215 -3.55 -26.76 3.08
N LEU A 216 -2.68 -27.42 3.85
CA LEU A 216 -2.12 -26.80 5.04
C LEU A 216 -1.26 -25.60 4.69
N THR A 217 -0.45 -25.70 3.65
CA THR A 217 0.34 -24.53 3.23
C THR A 217 -0.59 -23.35 2.88
N ILE A 218 -1.73 -23.65 2.28
CA ILE A 218 -2.67 -22.61 1.89
C ILE A 218 -3.32 -21.99 3.14
N ALA A 219 -3.74 -22.84 4.06
CA ALA A 219 -4.35 -22.35 5.29
C ALA A 219 -3.37 -21.43 6.01
N ASP A 220 -2.10 -21.83 6.05
CA ASP A 220 -1.07 -21.10 6.79
C ASP A 220 -0.55 -19.81 6.12
N GLU A 221 -0.43 -19.82 4.80
CA GLU A 221 0.11 -18.68 4.07
CA GLU A 221 0.11 -18.66 4.10
C GLU A 221 -0.97 -17.65 3.77
N PHE A 222 -2.19 -18.12 3.56
CA PHE A 222 -3.23 -17.23 3.03
C PHE A 222 -4.49 -17.04 3.86
N PHE A 223 -4.72 -17.88 4.85
CA PHE A 223 -5.96 -17.77 5.61
C PHE A 223 -5.78 -17.57 7.10
N HIS A 224 -4.62 -17.96 7.60
CA HIS A 224 -4.30 -17.92 9.03
C HIS A 224 -5.46 -18.42 9.88
N ASP A 225 -6.19 -17.51 10.50
CA ASP A 225 -7.27 -17.89 11.42
C ASP A 225 -8.65 -17.75 10.79
N ARG A 226 -8.70 -17.25 9.57
CA ARG A 226 -9.96 -17.09 8.85
C ARG A 226 -10.40 -18.40 8.22
N GLN A 227 -11.56 -18.89 8.64
CA GLN A 227 -12.05 -20.17 8.19
C GLN A 227 -12.70 -20.09 6.81
N ASN A 228 -12.24 -20.93 5.90
CA ASN A 228 -12.87 -21.07 4.61
C ASN A 228 -13.41 -22.49 4.54
N PRO A 229 -14.73 -22.62 4.43
CA PRO A 229 -15.39 -23.94 4.45
C PRO A 229 -14.94 -24.86 3.31
N THR A 230 -14.68 -24.31 2.12
CA THR A 230 -14.26 -25.14 1.00
C THR A 230 -12.83 -25.69 1.18
N LEU A 231 -11.93 -24.85 1.70
CA LEU A 231 -10.60 -25.30 2.10
C LEU A 231 -10.70 -26.35 3.19
N ARG A 232 -11.56 -26.09 4.16
CA ARG A 232 -11.79 -27.00 5.27
C ARG A 232 -12.24 -28.39 4.78
N GLU A 233 -13.21 -28.41 3.87
CA GLU A 233 -13.71 -29.67 3.30
C GLU A 233 -12.66 -30.38 2.49
N GLN A 234 -11.84 -29.62 1.79
CA GLN A 234 -10.88 -30.24 0.90
C GLN A 234 -9.71 -30.82 1.67
N PHE A 235 -9.30 -30.17 2.74
CA PHE A 235 -8.29 -30.79 3.60
C PHE A 235 -8.81 -32.07 4.24
N ALA A 236 -10.03 -32.03 4.78
CA ALA A 236 -10.62 -33.16 5.47
C ALA A 236 -10.72 -34.40 4.58
N GLU A 237 -11.15 -34.20 3.34
CA GLU A 237 -11.30 -35.31 2.41
C GLU A 237 -9.95 -35.95 2.13
N ALA A 238 -8.93 -35.12 1.98
CA ALA A 238 -7.60 -35.64 1.66
C ALA A 238 -7.00 -36.30 2.89
N ALA A 239 -7.18 -35.66 4.05
CA ALA A 239 -6.67 -36.19 5.31
C ALA A 239 -7.24 -37.58 5.55
N ARG A 240 -8.54 -37.73 5.35
CA ARG A 240 -9.19 -39.01 5.55
C ARG A 240 -8.66 -40.12 4.63
N ALA A 241 -8.03 -39.74 3.51
CA ALA A 241 -7.56 -40.75 2.56
C ALA A 241 -6.06 -41.01 2.68
N VAL A 242 -5.41 -40.36 3.62
CA VAL A 242 -3.97 -40.51 3.78
C VAL A 242 -3.57 -41.94 4.08
N ASP A 243 -2.55 -42.41 3.36
CA ASP A 243 -1.98 -43.74 3.58
C ASP A 243 -1.42 -43.84 5.00
N GLU A 244 -2.00 -44.72 5.81
CA GLU A 244 -1.59 -44.88 7.21
C GLU A 244 -0.14 -45.33 7.38
N ALA A 245 0.43 -45.88 6.31
CA ALA A 245 1.85 -46.26 6.30
C ALA A 245 2.76 -45.04 6.40
N ALA A 246 2.22 -43.85 6.14
CA ALA A 246 3.05 -42.65 6.15
C ALA A 246 3.25 -42.11 7.55
N LEU A 247 2.49 -42.66 8.51
CA LEU A 247 2.54 -42.19 9.89
C LEU A 247 3.42 -43.08 10.77
N VAL A 248 4.11 -42.45 11.72
CA VAL A 248 4.92 -43.20 12.68
C VAL A 248 4.02 -43.86 13.74
N PRO A 249 4.13 -45.18 13.88
CA PRO A 249 3.40 -45.94 14.91
C PRO A 249 3.52 -45.34 16.32
N VAL A 250 2.41 -45.28 17.04
CA VAL A 250 2.42 -44.82 18.42
C VAL A 250 3.30 -45.77 19.24
N GLY A 251 4.09 -45.23 20.16
CA GLY A 251 4.89 -46.07 21.02
C GLY A 251 6.33 -46.24 20.57
N GLU A 252 6.60 -45.88 19.32
CA GLU A 252 7.98 -45.89 18.83
C GLU A 252 8.65 -44.65 19.37
N VAL A 253 9.96 -44.72 19.60
CA VAL A 253 10.63 -43.58 20.21
C VAL A 253 10.62 -42.39 19.25
N ASN A 254 10.48 -41.20 19.82
CA ASN A 254 10.36 -39.96 19.04
C ASN A 254 9.11 -39.93 18.17
N ALA A 255 8.13 -40.76 18.48
CA ALA A 255 6.89 -40.82 17.70
C ALA A 255 6.06 -39.54 17.82
N THR A 256 6.20 -38.84 18.94
CA THR A 256 5.49 -37.59 19.14
C THR A 256 6.04 -36.56 18.17
N PRO A 257 5.16 -35.70 17.62
CA PRO A 257 5.58 -34.54 16.84
C PRO A 257 6.66 -33.77 17.59
N ARG A 258 7.80 -33.54 16.95
CA ARG A 258 8.97 -32.95 17.60
C ARG A 258 9.10 -31.44 17.33
N THR A 259 8.99 -31.06 16.06
CA THR A 259 9.11 -29.65 15.67
C THR A 259 7.76 -28.96 15.58
N ALA A 260 7.77 -27.63 15.52
CA ALA A 260 6.54 -26.85 15.38
C ALA A 260 5.78 -27.25 14.14
N VAL A 261 6.52 -27.57 13.08
CA VAL A 261 5.91 -28.04 11.85
C VAL A 261 5.16 -29.34 12.09
N GLU A 262 5.84 -30.30 12.70
CA GLU A 262 5.25 -31.61 12.94
C GLU A 262 4.02 -31.52 13.84
N VAL A 263 4.10 -30.69 14.87
CA VAL A 263 2.94 -30.50 15.75
C VAL A 263 1.77 -29.92 14.96
N ARG A 264 2.03 -28.91 14.15
CA ARG A 264 0.98 -28.27 13.36
C ARG A 264 0.34 -29.26 12.40
N VAL A 265 1.17 -30.06 11.73
CA VAL A 265 0.65 -31.03 10.77
C VAL A 265 -0.11 -32.16 11.47
N SER A 266 0.49 -32.70 12.54
CA SER A 266 -0.12 -33.79 13.29
C SER A 266 -1.46 -33.40 13.88
N ALA A 267 -1.55 -32.19 14.41
CA ALA A 267 -2.78 -31.69 15.01
C ALA A 267 -3.91 -31.61 14.00
N ALA A 268 -3.61 -31.11 12.81
CA ALA A 268 -4.63 -31.02 11.76
C ALA A 268 -5.02 -32.42 11.29
N LEU A 269 -4.05 -33.32 11.14
CA LEU A 269 -4.36 -34.65 10.69
C LEU A 269 -5.17 -35.42 11.74
N ALA A 270 -4.84 -35.20 13.01
CA ALA A 270 -5.51 -35.90 14.12
C ALA A 270 -6.95 -35.45 14.26
N HIS A 271 -7.24 -34.23 13.82
CA HIS A 271 -8.57 -33.67 13.96
C HIS A 271 -9.35 -33.60 12.66
N GLY A 272 -8.68 -33.89 11.55
CA GLY A 272 -9.29 -33.73 10.24
C GLY A 272 -9.68 -32.28 9.98
N ASP A 273 -8.96 -31.36 10.61
CA ASP A 273 -9.32 -29.95 10.58
C ASP A 273 -8.08 -29.10 10.34
N ALA A 274 -8.04 -28.40 9.19
CA ALA A 274 -6.85 -27.65 8.80
C ALA A 274 -6.52 -26.49 9.75
N TYR A 275 -7.49 -26.03 10.52
CA TYR A 275 -7.29 -24.86 11.38
C TYR A 275 -6.87 -25.19 12.81
N VAL A 276 -6.83 -26.49 13.12
CA VAL A 276 -6.24 -26.95 14.36
C VAL A 276 -4.73 -27.05 14.17
N ARG A 277 -3.98 -26.35 15.01
CA ARG A 277 -2.55 -26.22 14.83
C ARG A 277 -1.75 -26.63 16.07
N GLU A 278 -2.45 -26.99 17.15
CA GLU A 278 -1.79 -27.33 18.40
C GLU A 278 -2.32 -28.61 19.02
N LEU A 279 -1.48 -29.25 19.83
CA LEU A 279 -1.85 -30.46 20.54
C LEU A 279 -1.84 -30.23 22.05
N ARG A 280 -3.02 -30.23 22.66
CA ARG A 280 -3.11 -30.19 24.12
C ARG A 280 -2.50 -31.45 24.72
N PRO A 281 -1.82 -31.32 25.87
CA PRO A 281 -1.14 -32.46 26.51
C PRO A 281 -2.10 -33.59 26.84
N GLY A 282 -1.63 -34.83 26.78
CA GLY A 282 -2.51 -35.97 26.98
C GLY A 282 -3.24 -36.40 25.73
N THR A 283 -3.09 -35.63 24.65
CA THR A 283 -3.71 -36.00 23.39
C THR A 283 -2.70 -36.67 22.48
N VAL A 284 -2.95 -37.93 22.14
CA VAL A 284 -2.05 -38.67 21.26
C VAL A 284 -2.29 -38.29 19.81
N ALA A 285 -1.21 -37.98 19.11
CA ALA A 285 -1.29 -37.71 17.67
C ALA A 285 0.01 -38.20 17.04
N ARG A 286 -0.13 -38.98 15.97
CA ARG A 286 1.01 -39.54 15.29
C ARG A 286 1.62 -38.49 14.37
N ARG A 287 2.91 -38.57 14.13
CA ARG A 287 3.56 -37.65 13.21
C ARG A 287 3.92 -38.40 11.95
N LEU A 288 4.06 -37.66 10.86
CA LEU A 288 4.50 -38.23 9.60
C LEU A 288 5.94 -38.73 9.74
N ARG A 289 6.20 -39.92 9.18
CA ARG A 289 7.55 -40.44 9.07
C ARG A 289 8.45 -39.43 8.36
N THR A 290 9.72 -39.35 8.78
CA THR A 290 10.70 -38.53 8.09
C THR A 290 11.90 -39.38 7.69
N ASP A 291 11.70 -40.70 7.60
CA ASP A 291 12.74 -41.61 7.11
C ASP A 291 12.64 -41.75 5.60
N GLN A 292 13.71 -42.27 4.99
CA GLN A 292 13.81 -42.33 3.53
C GLN A 292 12.66 -43.10 2.90
N GLY A 293 12.06 -44.02 3.64
CA GLY A 293 10.96 -44.82 3.16
C GLY A 293 9.66 -44.07 2.93
N VAL A 294 9.54 -42.90 3.55
CA VAL A 294 8.33 -42.09 3.38
C VAL A 294 8.26 -41.50 1.97
N LEU A 295 9.39 -41.43 1.28
CA LEU A 295 9.43 -40.81 -0.04
C LEU A 295 8.53 -41.51 -1.06
N ALA A 296 8.51 -42.84 -1.01
CA ALA A 296 7.61 -43.63 -1.84
C ALA A 296 6.15 -43.32 -1.57
N LEU A 297 5.86 -42.70 -0.43
CA LEU A 297 4.49 -42.33 -0.09
C LEU A 297 4.15 -40.91 -0.52
N LEU A 298 5.08 -40.27 -1.24
CA LEU A 298 4.91 -38.91 -1.70
C LEU A 298 4.95 -38.85 -3.22
N ASP A 299 4.62 -37.70 -3.79
CA ASP A 299 4.73 -37.54 -5.23
C ASP A 299 6.15 -37.09 -5.63
N PRO A 300 6.70 -37.72 -6.67
CA PRO A 300 8.13 -37.58 -6.98
C PRO A 300 8.52 -36.13 -7.26
N GLY A 301 7.60 -35.37 -7.84
CA GLY A 301 7.86 -33.97 -8.17
C GLY A 301 7.57 -32.99 -7.04
N ALA A 302 6.95 -33.44 -5.95
CA ALA A 302 6.55 -32.55 -4.88
C ALA A 302 6.86 -33.07 -3.46
N GLN A 303 8.01 -33.70 -3.27
CA GLN A 303 8.34 -34.29 -1.97
C GLN A 303 8.54 -33.22 -0.90
N ALA A 304 9.02 -32.05 -1.32
CA ALA A 304 9.33 -30.97 -0.39
C ALA A 304 8.09 -30.43 0.32
N VAL A 305 6.90 -30.75 -0.20
CA VAL A 305 5.67 -30.30 0.48
C VAL A 305 5.54 -30.99 1.84
N HIS A 306 6.21 -32.13 2.01
CA HIS A 306 6.36 -32.75 3.33
C HIS A 306 7.67 -32.17 3.87
N VAL A 307 7.60 -30.95 4.38
CA VAL A 307 8.82 -30.18 4.64
C VAL A 307 9.63 -30.75 5.81
N ALA A 308 8.95 -31.38 6.77
CA ALA A 308 9.66 -32.00 7.89
C ALA A 308 10.58 -33.13 7.41
N ALA A 309 10.12 -33.92 6.44
CA ALA A 309 10.97 -34.96 5.86
C ALA A 309 12.13 -34.37 5.09
N ALA A 310 11.83 -33.36 4.28
CA ALA A 310 12.83 -32.75 3.42
C ALA A 310 13.91 -32.09 4.27
N ALA A 311 13.52 -31.60 5.44
CA ALA A 311 14.47 -30.96 6.36
C ALA A 311 15.25 -31.95 7.25
N ASP A 312 14.84 -33.21 7.31
CA ASP A 312 15.48 -34.18 8.17
C ASP A 312 16.67 -34.82 7.44
N LEU A 313 17.72 -34.04 7.24
CA LEU A 313 18.76 -34.37 6.29
C LEU A 313 19.64 -35.55 6.73
N ASP A 314 19.61 -35.84 8.03
CA ASP A 314 20.40 -36.97 8.53
C ASP A 314 19.78 -38.28 8.11
N HIS A 315 18.48 -38.29 7.87
CA HIS A 315 17.75 -39.53 7.65
C HIS A 315 17.30 -39.68 6.21
N THR A 316 16.96 -38.55 5.59
CA THR A 316 16.25 -38.54 4.33
C THR A 316 16.81 -37.50 3.36
N GLN A 317 16.97 -37.91 2.11
CA GLN A 317 17.38 -37.01 1.05
C GLN A 317 16.26 -36.92 0.00
N VAL A 318 15.52 -35.80 0.01
CA VAL A 318 14.51 -35.61 -1.01
C VAL A 318 15.18 -35.26 -2.33
N ASP A 319 14.52 -35.60 -3.42
CA ASP A 319 15.08 -35.31 -4.73
C ASP A 319 14.63 -33.95 -5.26
N ALA A 320 15.50 -32.96 -5.18
CA ALA A 320 15.17 -31.64 -5.70
C ALA A 320 15.85 -31.33 -7.03
N THR A 321 16.47 -32.31 -7.66
CA THR A 321 17.16 -32.06 -8.93
C THR A 321 16.24 -31.52 -10.02
N GLY A 322 15.08 -32.14 -10.21
CA GLY A 322 14.17 -31.67 -11.22
C GLY A 322 13.64 -30.26 -10.97
N VAL A 323 13.31 -29.94 -9.71
CA VAL A 323 12.77 -28.63 -9.42
C VAL A 323 13.84 -27.56 -9.57
N TRP A 324 15.06 -27.90 -9.16
CA TRP A 324 16.19 -26.99 -9.28
C TRP A 324 16.49 -26.73 -10.75
N GLU A 325 16.42 -27.77 -11.57
CA GLU A 325 16.57 -27.62 -13.01
C GLU A 325 15.49 -26.70 -13.59
N ALA A 326 14.23 -26.93 -13.22
CA ALA A 326 13.15 -26.11 -13.75
C ALA A 326 13.24 -24.66 -13.29
N VAL A 327 13.71 -24.45 -12.05
CA VAL A 327 13.91 -23.10 -11.51
C VAL A 327 15.01 -22.37 -12.27
N GLN A 328 16.09 -23.08 -12.56
CA GLN A 328 17.18 -22.51 -13.33
C GLN A 328 16.74 -22.14 -14.73
N ALA A 329 15.89 -22.96 -15.33
CA ALA A 329 15.50 -22.74 -16.72
C ALA A 329 14.48 -21.61 -16.90
N SER A 330 13.91 -21.16 -15.79
CA SER A 330 12.82 -20.17 -15.81
C SER A 330 13.33 -18.78 -16.19
N ALA A 331 12.62 -18.13 -17.11
CA ALA A 331 13.00 -16.79 -17.55
C ALA A 331 11.92 -15.76 -17.27
N SER A 332 10.94 -16.11 -16.44
CA SER A 332 9.89 -15.15 -16.09
C SER A 332 9.40 -15.50 -14.71
N PRO A 333 8.70 -14.56 -14.07
CA PRO A 333 8.10 -14.77 -12.75
C PRO A 333 7.15 -15.94 -12.73
N LEU A 334 6.31 -16.06 -13.75
CA LEU A 334 5.31 -17.13 -13.73
C LEU A 334 6.02 -18.48 -13.73
N GLN A 335 6.98 -18.62 -14.64
CA GLN A 335 7.70 -19.88 -14.78
C GLN A 335 8.36 -20.32 -13.47
N VAL A 336 9.07 -19.42 -12.83
CA VAL A 336 9.85 -19.82 -11.67
C VAL A 336 8.91 -20.07 -10.47
N VAL A 337 7.91 -19.22 -10.28
CA VAL A 337 6.96 -19.42 -9.18
C VAL A 337 6.14 -20.70 -9.39
N GLU A 338 5.77 -21.00 -10.62
CA GLU A 338 5.07 -22.26 -10.88
C GLU A 338 5.96 -23.46 -10.56
N ALA A 339 7.24 -23.36 -10.88
CA ALA A 339 8.17 -24.45 -10.61
C ALA A 339 8.31 -24.64 -9.11
N LEU A 340 8.41 -23.55 -8.38
CA LEU A 340 8.64 -23.63 -6.93
C LEU A 340 7.44 -24.21 -6.21
N VAL A 341 6.28 -23.58 -6.40
CA VAL A 341 5.09 -23.95 -5.66
C VAL A 341 4.60 -25.35 -5.99
N THR A 342 4.64 -25.70 -7.27
CA THR A 342 4.28 -27.04 -7.75
C THR A 342 5.10 -28.12 -7.05
N ALA A 343 6.36 -27.81 -6.75
CA ALA A 343 7.26 -28.79 -6.11
C ALA A 343 7.17 -28.72 -4.59
N GLY A 344 6.32 -27.84 -4.08
CA GLY A 344 6.14 -27.72 -2.64
C GLY A 344 7.07 -26.72 -1.97
N PHE A 345 7.81 -25.97 -2.77
CA PHE A 345 8.65 -24.90 -2.26
C PHE A 345 7.84 -23.60 -2.12
N THR A 346 6.88 -23.62 -1.21
CA THR A 346 6.11 -22.43 -0.86
C THR A 346 7.02 -21.48 -0.10
N ARG A 347 6.53 -20.28 0.19
CA ARG A 347 7.33 -19.28 0.89
CA ARG A 347 7.32 -19.26 0.90
C ARG A 347 7.91 -19.80 2.19
N ARG A 348 7.05 -20.41 3.01
CA ARG A 348 7.48 -20.91 4.31
C ARG A 348 8.46 -22.09 4.17
N HIS A 349 8.23 -22.95 3.19
CA HIS A 349 9.11 -24.13 3.02
C HIS A 349 10.50 -23.76 2.55
N CYS A 350 10.57 -22.73 1.71
CA CYS A 350 11.86 -22.19 1.31
C CYS A 350 12.62 -21.70 2.53
N ASP A 351 11.96 -20.91 3.36
CA ASP A 351 12.56 -20.41 4.57
C ASP A 351 13.11 -21.55 5.45
N LEU A 352 12.31 -22.60 5.61
CA LEU A 352 12.72 -23.72 6.45
C LEU A 352 13.86 -24.56 5.83
N LEU A 353 13.80 -24.79 4.52
CA LEU A 353 14.79 -25.64 3.88
C LEU A 353 16.12 -24.93 3.68
N GLU A 354 16.08 -23.62 3.44
CA GLU A 354 17.29 -22.80 3.41
C GLU A 354 18.05 -22.93 4.74
N ARG A 355 17.36 -22.64 5.84
CA ARG A 355 17.94 -22.81 7.17
C ARG A 355 18.54 -24.20 7.38
N ALA A 356 17.77 -25.24 7.06
CA ALA A 356 18.19 -26.61 7.30
C ALA A 356 19.43 -27.00 6.50
N VAL A 357 19.47 -26.61 5.23
CA VAL A 357 20.60 -26.97 4.39
C VAL A 357 21.82 -26.11 4.72
N LEU A 358 21.63 -24.81 4.85
CA LEU A 358 22.78 -23.93 5.08
C LEU A 358 23.43 -24.20 6.45
N ASP A 359 22.65 -24.74 7.38
CA ASP A 359 23.20 -25.10 8.67
C ASP A 359 24.21 -26.25 8.56
N ARG A 360 24.31 -26.86 7.38
CA ARG A 360 25.23 -27.97 7.19
C ARG A 360 26.44 -27.60 6.36
N ALA A 361 26.41 -26.41 5.78
CA ALA A 361 27.53 -25.91 4.99
C ALA A 361 28.77 -25.75 5.87
N PRO A 362 29.98 -25.81 5.27
CA PRO A 362 30.29 -25.95 3.84
C PRO A 362 30.12 -27.35 3.26
N ARG A 363 30.14 -28.41 4.08
CA ARG A 363 30.15 -29.76 3.50
C ARG A 363 28.76 -30.25 3.15
N LEU A 364 28.35 -29.93 1.93
CA LEU A 364 27.06 -30.35 1.40
C LEU A 364 27.26 -31.42 0.34
N THR A 365 26.35 -32.36 0.26
CA THR A 365 26.31 -33.28 -0.88
C THR A 365 25.60 -32.60 -2.05
N ASP A 366 25.78 -33.15 -3.24
CA ASP A 366 25.15 -32.58 -4.43
C ASP A 366 23.63 -32.53 -4.31
N ALA A 367 23.04 -33.58 -3.72
CA ALA A 367 21.59 -33.61 -3.56
C ALA A 367 21.13 -32.52 -2.58
N GLN A 368 21.92 -32.27 -1.55
CA GLN A 368 21.62 -31.23 -0.58
C GLN A 368 21.75 -29.85 -1.22
N ARG A 369 22.72 -29.71 -2.10
CA ARG A 369 22.92 -28.48 -2.85
C ARG A 369 21.68 -28.13 -3.69
N ALA A 370 21.07 -29.13 -4.30
CA ALA A 370 19.87 -28.90 -5.11
C ALA A 370 18.70 -28.37 -4.26
N VAL A 371 18.54 -28.93 -3.07
CA VAL A 371 17.51 -28.46 -2.13
C VAL A 371 17.84 -27.05 -1.66
N GLY A 372 19.11 -26.82 -1.29
CA GLY A 372 19.50 -25.53 -0.78
C GLY A 372 19.41 -24.43 -1.83
N CYS A 373 19.94 -24.71 -3.02
CA CYS A 373 19.80 -23.78 -4.14
C CYS A 373 18.36 -23.42 -4.41
N THR A 374 17.50 -24.42 -4.50
CA THR A 374 16.09 -24.17 -4.77
C THR A 374 15.46 -23.30 -3.67
N ALA A 375 15.83 -23.58 -2.42
CA ALA A 375 15.23 -22.86 -1.29
C ALA A 375 15.78 -21.45 -1.18
N VAL A 376 17.08 -21.27 -1.42
CA VAL A 376 17.65 -19.92 -1.40
C VAL A 376 17.07 -19.01 -2.51
N VAL A 377 17.11 -19.49 -3.74
CA VAL A 377 16.56 -18.71 -4.86
C VAL A 377 15.05 -18.49 -4.65
N GLY A 378 14.37 -19.52 -4.15
CA GLY A 378 12.95 -19.47 -3.93
C GLY A 378 12.54 -18.40 -2.93
N GLY A 379 13.30 -18.28 -1.85
CA GLY A 379 12.99 -17.30 -0.81
C GLY A 379 13.12 -15.90 -1.39
N VAL A 380 14.12 -15.74 -2.26
CA VAL A 380 14.34 -14.45 -2.89
C VAL A 380 13.21 -14.15 -3.89
N VAL A 381 12.87 -15.13 -4.71
CA VAL A 381 11.75 -14.98 -5.64
C VAL A 381 10.45 -14.61 -4.90
N HIS A 382 10.14 -15.33 -3.83
CA HIS A 382 8.90 -15.07 -3.06
C HIS A 382 8.86 -13.65 -2.51
N ARG A 383 10.01 -13.19 -2.03
CA ARG A 383 10.15 -11.82 -1.56
C ARG A 383 9.86 -10.78 -2.63
N LEU A 384 10.38 -11.01 -3.84
CA LEU A 384 10.22 -10.06 -4.94
C LEU A 384 8.84 -10.07 -5.56
N LEU A 385 8.15 -11.20 -5.48
CA LEU A 385 6.96 -11.40 -6.29
C LEU A 385 5.85 -10.37 -6.03
N ASP A 386 5.64 -9.98 -4.77
CA ASP A 386 4.57 -9.03 -4.47
C ASP A 386 4.81 -7.66 -5.10
N ASP A 387 6.07 -7.36 -5.41
CA ASP A 387 6.42 -6.05 -5.91
C ASP A 387 6.50 -6.04 -7.43
N TYR A 388 6.43 -7.21 -8.02
CA TYR A 388 6.77 -7.36 -9.44
C TYR A 388 5.90 -6.54 -10.38
N GLY A 389 6.53 -5.73 -11.21
CA GLY A 389 5.81 -4.97 -12.21
C GLY A 389 6.72 -4.21 -13.16
N PRO A 390 6.13 -3.43 -14.07
CA PRO A 390 6.90 -2.84 -15.15
C PRO A 390 7.36 -1.41 -14.88
N GLY A 391 7.44 -1.01 -13.61
CA GLY A 391 7.77 0.37 -13.30
C GLY A 391 8.90 0.61 -12.31
N LEU A 392 9.00 1.87 -11.87
CA LEU A 392 10.09 2.35 -11.03
C LEU A 392 10.11 1.70 -9.65
N ASP A 393 8.92 1.52 -9.08
CA ASP A 393 8.79 0.90 -7.76
CA ASP A 393 8.83 0.92 -7.75
C ASP A 393 9.42 -0.49 -7.71
N TYR A 394 9.22 -1.26 -8.77
CA TYR A 394 9.82 -2.61 -8.77
C TYR A 394 11.33 -2.53 -8.98
N VAL A 395 11.80 -1.58 -9.79
CA VAL A 395 13.23 -1.37 -9.93
C VAL A 395 13.87 -1.14 -8.56
N ARG A 396 13.24 -0.28 -7.76
CA ARG A 396 13.70 0.02 -6.41
C ARG A 396 13.58 -1.17 -5.46
N ALA A 397 12.46 -1.90 -5.53
CA ALA A 397 12.27 -3.06 -4.66
C ALA A 397 13.28 -4.16 -5.00
N TYR A 398 13.57 -4.32 -6.29
CA TYR A 398 14.53 -5.32 -6.75
C TYR A 398 15.95 -5.00 -6.30
N THR A 399 16.36 -3.76 -6.49
CA THR A 399 17.68 -3.29 -6.06
C THR A 399 17.90 -3.54 -4.56
N ASP A 400 16.90 -3.19 -3.76
CA ASP A 400 16.94 -3.46 -2.33
C ASP A 400 17.19 -4.92 -2.00
N VAL A 401 16.46 -5.82 -2.65
CA VAL A 401 16.64 -7.24 -2.45
C VAL A 401 18.01 -7.70 -2.96
N ALA A 402 18.40 -7.23 -4.14
CA ALA A 402 19.68 -7.60 -4.76
C ALA A 402 20.89 -7.24 -3.89
N ASP A 403 20.79 -6.10 -3.21
CA ASP A 403 21.84 -5.64 -2.30
C ASP A 403 22.06 -6.55 -1.08
N THR A 404 21.09 -7.40 -0.76
CA THR A 404 21.22 -8.25 0.42
C THR A 404 21.83 -9.61 0.09
N LEU A 405 21.96 -9.92 -1.19
CA LEU A 405 22.37 -11.26 -1.60
C LEU A 405 23.81 -11.57 -1.19
N GLU A 406 24.69 -10.58 -1.34
CA GLU A 406 26.10 -10.82 -1.06
C GLU A 406 26.35 -11.00 0.44
N PRO A 407 25.84 -10.09 1.27
CA PRO A 407 26.02 -10.33 2.72
C PRO A 407 25.32 -11.61 3.23
N LEU A 408 24.19 -11.98 2.65
CA LEU A 408 23.52 -13.23 3.01
C LEU A 408 24.22 -14.51 2.51
N TYR A 409 24.67 -14.52 1.26
CA TYR A 409 25.04 -15.75 0.61
C TYR A 409 26.44 -15.83 0.05
N GLY A 410 27.16 -14.72 0.11
CA GLY A 410 28.49 -14.68 -0.48
C GLY A 410 29.41 -15.77 0.04
N ASP A 411 29.17 -16.18 1.27
CA ASP A 411 30.04 -17.13 1.95
C ASP A 411 29.60 -18.58 1.77
N VAL A 412 28.38 -18.80 1.30
CA VAL A 412 27.91 -20.17 1.06
C VAL A 412 27.68 -20.50 -0.41
N THR A 413 28.02 -19.59 -1.32
CA THR A 413 27.73 -19.88 -2.72
C THR A 413 28.63 -21.01 -3.21
N ALA A 414 29.91 -20.97 -2.87
CA ALA A 414 30.82 -22.06 -3.23
C ALA A 414 30.28 -23.39 -2.70
N ALA A 415 29.86 -23.41 -1.43
CA ALA A 415 29.36 -24.63 -0.81
C ALA A 415 28.10 -25.16 -1.49
N LEU A 416 27.31 -24.24 -2.02
CA LEU A 416 26.09 -24.57 -2.75
C LEU A 416 26.39 -25.04 -4.18
N GLY A 417 27.67 -24.99 -4.59
CA GLY A 417 28.06 -25.44 -5.91
C GLY A 417 27.80 -24.44 -7.03
N LEU A 418 27.64 -23.17 -6.64
CA LEU A 418 27.38 -22.08 -7.59
C LEU A 418 28.65 -21.27 -7.80
N PRO A 419 28.78 -20.63 -8.97
CA PRO A 419 29.92 -19.72 -9.10
C PRO A 419 29.68 -18.41 -8.34
N GLU A 420 30.71 -17.58 -8.29
CA GLU A 420 30.62 -16.23 -7.75
C GLU A 420 29.36 -15.51 -8.28
N LYS A 421 28.57 -14.94 -7.37
CA LYS A 421 27.34 -14.22 -7.72
C LYS A 421 26.24 -15.13 -8.27
N GLY A 422 26.38 -16.44 -8.05
CA GLY A 422 25.44 -17.41 -8.61
C GLY A 422 23.98 -17.23 -8.21
N VAL A 423 23.72 -16.78 -6.99
CA VAL A 423 22.34 -16.55 -6.56
C VAL A 423 21.73 -15.40 -7.33
N GLU A 424 22.46 -14.29 -7.41
CA GLU A 424 21.96 -13.15 -8.15
C GLU A 424 21.82 -13.48 -9.64
N HIS A 425 22.71 -14.33 -10.14
CA HIS A 425 22.69 -14.65 -11.57
C HIS A 425 21.48 -15.49 -11.91
N VAL A 426 21.02 -16.31 -10.98
CA VAL A 426 19.78 -17.06 -11.22
C VAL A 426 18.55 -16.15 -11.03
N VAL A 427 18.55 -15.40 -9.94
CA VAL A 427 17.45 -14.48 -9.66
C VAL A 427 17.23 -13.47 -10.79
N ARG A 428 18.31 -12.88 -11.29
CA ARG A 428 18.17 -11.90 -12.37
C ARG A 428 17.58 -12.48 -13.64
N HIS A 429 17.79 -13.78 -13.85
CA HIS A 429 17.34 -14.41 -15.08
C HIS A 429 15.82 -14.43 -15.21
N CYS A 430 15.13 -14.50 -14.09
CA CYS A 430 13.69 -14.66 -14.12
C CYS A 430 12.95 -13.47 -13.51
N MET A 431 13.61 -12.75 -12.60
CA MET A 431 12.95 -11.70 -11.83
C MET A 431 13.45 -10.28 -12.09
N ALA A 432 14.49 -10.13 -12.91
CA ALA A 432 15.05 -8.80 -13.19
C ALA A 432 13.94 -7.87 -13.68
N PRO A 433 13.98 -6.60 -13.25
CA PRO A 433 13.02 -5.60 -13.71
C PRO A 433 13.12 -5.42 -15.23
N ARG A 434 11.98 -5.36 -15.91
CA ARG A 434 11.96 -5.11 -17.36
C ARG A 434 11.07 -3.91 -17.73
N PRO A 435 11.31 -2.74 -17.10
CA PRO A 435 10.47 -1.58 -17.38
C PRO A 435 10.72 -1.07 -18.79
N PRO A 436 9.66 -0.71 -19.51
CA PRO A 436 9.84 -0.16 -20.86
C PRO A 436 10.33 1.28 -20.81
N THR A 437 11.57 1.49 -20.39
CA THR A 437 12.09 2.84 -20.17
C THR A 437 12.27 3.61 -21.47
N GLU A 438 12.14 2.92 -22.59
CA GLU A 438 12.16 3.62 -23.87
C GLU A 438 11.02 4.64 -23.95
N HIS A 439 9.99 4.46 -23.11
CA HIS A 439 8.87 5.40 -23.05
C HIS A 439 9.32 6.76 -22.58
N VAL A 440 10.35 6.78 -21.74
CA VAL A 440 10.84 8.04 -21.19
C VAL A 440 11.36 8.87 -22.35
N GLY A 441 12.14 8.24 -23.22
CA GLY A 441 12.64 8.88 -24.43
C GLY A 441 11.54 9.34 -25.36
N ALA A 442 10.55 8.47 -25.59
CA ALA A 442 9.39 8.82 -26.41
C ALA A 442 8.64 10.04 -25.86
N ALA A 443 8.53 10.12 -24.54
CA ALA A 443 7.81 11.21 -23.89
C ALA A 443 8.56 12.51 -24.15
N ARG A 444 9.87 12.48 -23.94
CA ARG A 444 10.73 13.63 -24.24
C ARG A 444 10.61 14.04 -25.70
N ALA A 445 10.64 13.08 -26.61
CA ALA A 445 10.46 13.38 -28.03
C ALA A 445 9.14 14.12 -28.29
N ALA A 446 8.08 13.69 -27.61
CA ALA A 446 6.78 14.35 -27.74
C ALA A 446 6.81 15.79 -27.23
N LEU A 447 7.40 16.00 -26.06
CA LEU A 447 7.50 17.34 -25.49
C LEU A 447 8.32 18.28 -26.38
N LEU A 448 9.43 17.79 -26.91
CA LEU A 448 10.29 18.61 -27.75
C LEU A 448 9.66 18.96 -29.10
N ARG A 449 8.76 18.10 -29.58
CA ARG A 449 7.99 18.43 -30.79
C ARG A 449 7.11 19.65 -30.53
N GLU A 450 6.55 19.74 -29.33
CA GLU A 450 5.72 20.90 -28.99
C GLU A 450 6.59 22.13 -28.78
N VAL A 451 7.77 21.92 -28.20
CA VAL A 451 8.72 23.02 -28.05
C VAL A 451 9.15 23.53 -29.43
N ALA A 452 9.46 22.60 -30.33
CA ALA A 452 9.87 22.97 -31.69
C ALA A 452 8.74 23.68 -32.45
N ALA A 453 7.49 23.33 -32.16
CA ALA A 453 6.35 24.00 -32.77
C ALA A 453 6.24 25.45 -32.29
N ALA A 454 6.43 25.65 -30.99
CA ALA A 454 6.37 26.98 -30.41
C ALA A 454 7.56 27.82 -30.88
N GLU A 455 8.70 27.15 -31.08
CA GLU A 455 9.90 27.82 -31.57
C GLU A 455 9.67 28.38 -32.96
N ARG A 456 8.97 27.61 -33.79
CA ARG A 456 8.68 28.03 -35.16
C ARG A 456 7.67 29.18 -35.20
N ARG A 457 6.58 29.05 -34.44
CA ARG A 457 5.60 30.11 -34.35
C ARG A 457 6.26 31.41 -33.88
N ALA A 458 7.25 31.27 -33.00
CA ALA A 458 7.99 32.41 -32.47
C ALA A 458 9.05 32.89 -33.46
N GLY A 459 9.39 32.03 -34.42
CA GLY A 459 10.41 32.38 -35.39
C GLY A 459 11.83 32.21 -34.87
N LEU A 460 12.07 31.16 -34.09
CA LEU A 460 13.41 30.85 -33.62
C LEU A 460 13.78 29.40 -33.92
N ALA A 461 15.04 29.06 -33.71
CA ALA A 461 15.53 27.69 -33.91
C ALA A 461 16.04 27.13 -32.59
N HIS A 462 16.01 27.96 -31.55
CA HIS A 462 16.39 27.53 -30.21
C HIS A 462 15.76 28.44 -29.16
N SER A 463 15.35 27.83 -28.05
CA SER A 463 14.70 28.58 -26.99
C SER A 463 15.28 28.21 -25.63
N ALA A 464 15.11 29.10 -24.67
CA ALA A 464 15.46 28.82 -23.29
C ALA A 464 14.54 27.72 -22.78
N ALA A 465 13.32 27.70 -23.31
CA ALA A 465 12.33 26.68 -22.98
C ALA A 465 12.91 25.30 -23.28
N ARG A 466 13.48 25.14 -24.47
CA ARG A 466 14.13 23.91 -24.86
C ARG A 466 15.22 23.48 -23.87
N GLU A 467 16.00 24.43 -23.40
CA GLU A 467 17.13 24.10 -22.55
C GLU A 467 16.68 23.75 -21.14
N ALA A 468 15.68 24.46 -20.64
CA ALA A 468 15.12 24.18 -19.32
C ALA A 468 14.47 22.80 -19.27
N LEU A 469 13.57 22.54 -20.21
CA LEU A 469 12.86 21.26 -20.26
C LEU A 469 13.80 20.06 -20.46
N ASN A 470 14.80 20.22 -21.34
CA ASN A 470 15.85 19.21 -21.52
C ASN A 470 16.60 18.92 -20.24
N THR A 471 16.90 19.97 -19.49
CA THR A 471 17.61 19.84 -18.23
C THR A 471 16.74 19.08 -17.21
N TRP A 472 15.46 19.40 -17.19
CA TRP A 472 14.53 18.75 -16.30
C TRP A 472 14.37 17.25 -16.62
N LEU A 473 14.14 16.96 -17.90
CA LEU A 473 13.88 15.60 -18.33
C LEU A 473 15.11 14.71 -18.18
N ALA A 474 16.29 15.31 -18.35
CA ALA A 474 17.54 14.56 -18.22
C ALA A 474 17.78 14.21 -16.75
N PHE A 475 17.48 15.15 -15.86
CA PHE A 475 17.61 14.89 -14.44
C PHE A 475 16.68 13.77 -14.03
N ARG A 476 15.44 13.84 -14.50
CA ARG A 476 14.47 12.79 -14.18
C ARG A 476 14.89 11.42 -14.73
N ALA A 477 15.36 11.39 -15.97
CA ALA A 477 15.80 10.15 -16.61
C ALA A 477 16.96 9.48 -15.87
N GLN A 478 17.94 10.27 -15.46
CA GLN A 478 19.12 9.75 -14.76
C GLN A 478 18.79 9.42 -13.32
N SER A 479 18.21 10.39 -12.62
CA SER A 479 17.92 10.27 -11.20
C SER A 479 16.90 9.17 -10.88
N ARG A 480 16.06 8.82 -11.85
CA ARG A 480 15.01 7.83 -11.61
C ARG A 480 15.29 6.49 -12.28
N TRP A 481 15.72 6.54 -13.53
CA TRP A 481 15.85 5.32 -14.31
C TRP A 481 17.29 4.94 -14.65
N GLY A 482 18.25 5.82 -14.34
CA GLY A 482 19.64 5.56 -14.62
C GLY A 482 20.00 5.66 -16.10
N LEU A 483 19.22 6.43 -16.85
CA LEU A 483 19.48 6.62 -18.27
C LEU A 483 20.37 7.84 -18.51
N PRO B 2 23.38 -0.36 0.07
CA PRO B 2 24.43 -0.32 1.12
C PRO B 2 24.17 0.75 2.18
N GLY B 3 23.33 0.42 3.16
CA GLY B 3 22.98 1.34 4.22
C GLY B 3 24.02 1.45 5.32
N SER B 4 23.59 1.94 6.47
CA SER B 4 24.48 2.30 7.56
C SER B 4 25.19 1.11 8.23
N MET B 5 24.49 0.00 8.41
CA MET B 5 25.08 -1.17 9.04
C MET B 5 26.17 -1.80 8.15
N GLU B 6 25.96 -1.76 6.84
CA GLU B 6 26.95 -2.29 5.91
C GLU B 6 28.21 -1.43 5.98
N ALA B 7 28.03 -0.12 5.96
CA ALA B 7 29.14 0.80 6.08
C ALA B 7 29.87 0.58 7.39
N LEU B 8 29.11 0.42 8.48
CA LEU B 8 29.70 0.19 9.80
C LEU B 8 30.58 -1.04 9.77
N VAL B 9 30.05 -2.16 9.26
CA VAL B 9 30.79 -3.42 9.24
C VAL B 9 32.10 -3.28 8.46
N ARG B 10 32.05 -2.64 7.30
CA ARG B 10 33.25 -2.41 6.51
C ARG B 10 34.24 -1.54 7.27
N ALA B 11 33.71 -0.48 7.89
CA ALA B 11 34.53 0.49 8.61
C ALA B 11 35.28 -0.14 9.77
N LEU B 12 34.63 -1.04 10.49
CA LEU B 12 35.28 -1.68 11.63
C LEU B 12 36.23 -2.77 11.18
N GLU B 13 35.89 -3.47 10.11
CA GLU B 13 36.78 -4.51 9.60
C GLU B 13 38.11 -3.91 9.15
N GLU B 14 38.04 -2.72 8.54
CA GLU B 14 39.20 -2.02 8.04
C GLU B 14 39.89 -1.15 9.11
N ALA B 15 39.12 -0.72 10.11
CA ALA B 15 39.62 0.16 11.16
C ALA B 15 40.76 -0.48 11.97
N ASP B 16 41.69 0.37 12.40
CA ASP B 16 42.83 -0.03 13.20
C ASP B 16 42.50 0.08 14.69
N HIS B 17 42.30 -1.06 15.34
CA HIS B 17 41.82 -1.07 16.72
C HIS B 17 42.92 -0.81 17.74
N ALA B 18 44.11 -0.49 17.24
CA ALA B 18 45.22 -0.08 18.10
C ALA B 18 45.10 1.42 18.40
N VAL B 19 44.20 2.08 17.66
CA VAL B 19 43.99 3.52 17.78
C VAL B 19 42.50 3.84 18.02
N ALA B 20 42.18 4.07 19.28
CA ALA B 20 40.80 4.27 19.71
C ALA B 20 40.07 5.38 18.95
N THR B 21 40.77 6.48 18.69
CA THR B 21 40.17 7.66 18.05
C THR B 21 39.57 7.35 16.68
N VAL B 22 40.26 6.52 15.91
CA VAL B 22 39.76 6.14 14.60
C VAL B 22 38.54 5.24 14.74
N VAL B 23 38.60 4.32 15.69
CA VAL B 23 37.46 3.45 15.93
C VAL B 23 36.25 4.26 16.38
N GLN B 24 36.48 5.24 17.24
CA GLN B 24 35.41 6.13 17.70
C GLN B 24 34.73 6.88 16.56
N SER B 25 35.52 7.29 15.57
CA SER B 25 35.01 8.03 14.42
C SER B 25 34.01 7.22 13.62
N ARG B 26 34.36 5.98 13.32
CA ARG B 26 33.49 5.10 12.55
C ARG B 26 32.19 4.85 13.27
N ILE B 27 32.28 4.58 14.57
CA ILE B 27 31.11 4.40 15.41
C ILE B 27 30.25 5.67 15.39
N LEU B 28 30.90 6.82 15.55
CA LEU B 28 30.21 8.10 15.58
C LEU B 28 29.46 8.35 14.27
N GLU B 29 30.07 7.92 13.17
CA GLU B 29 29.41 8.01 11.87
C GLU B 29 28.16 7.14 11.84
N PHE B 30 28.26 5.93 12.36
CA PHE B 30 27.10 5.05 12.42
C PHE B 30 25.98 5.68 13.26
N PHE B 31 26.36 6.33 14.36
CA PHE B 31 25.38 6.94 15.27
C PHE B 31 24.57 8.00 14.53
N MET B 32 25.17 8.60 13.50
CA MET B 32 24.52 9.70 12.82
C MET B 32 24.12 9.35 11.38
N ALA B 33 24.11 8.06 11.08
CA ALA B 33 23.87 7.62 9.70
C ALA B 33 22.43 7.81 9.24
N ALA B 34 22.26 7.95 7.93
CA ALA B 34 20.93 8.19 7.36
C ALA B 34 20.48 7.03 6.47
N GLY B 35 21.36 6.04 6.31
CA GLY B 35 21.07 4.94 5.41
C GLY B 35 20.10 3.91 5.95
N ARG B 36 19.02 3.65 5.22
CA ARG B 36 18.04 2.66 5.64
C ARG B 36 18.49 1.22 5.40
N GLU B 37 17.81 0.28 6.06
CA GLU B 37 18.19 -1.13 6.06
C GLU B 37 16.97 -1.95 5.72
N THR B 38 17.19 -3.19 5.27
CA THR B 38 16.07 -4.12 5.14
C THR B 38 16.31 -5.29 6.09
N PRO B 39 15.24 -6.00 6.47
CA PRO B 39 15.37 -7.12 7.40
C PRO B 39 16.40 -8.15 6.92
N ALA B 40 16.41 -8.46 5.62
CA ALA B 40 17.34 -9.43 5.07
C ALA B 40 18.77 -8.92 5.16
N GLY B 41 18.93 -7.62 4.93
CA GLY B 41 20.23 -6.96 5.00
C GLY B 41 20.82 -6.98 6.38
N VAL B 42 20.06 -6.56 7.37
CA VAL B 42 20.52 -6.58 8.75
C VAL B 42 20.80 -8.00 9.17
N ARG B 43 19.94 -8.90 8.71
CA ARG B 43 20.05 -10.30 9.09
C ARG B 43 21.34 -10.94 8.56
N GLY B 44 21.75 -10.56 7.35
CA GLY B 44 23.01 -11.04 6.81
C GLY B 44 24.22 -10.48 7.53
N LEU B 45 24.07 -9.29 8.09
CA LEU B 45 25.18 -8.55 8.67
C LEU B 45 25.25 -8.59 10.19
N TRP B 46 24.15 -9.01 10.84
CA TRP B 46 24.05 -8.91 12.30
C TRP B 46 25.20 -9.53 13.10
N ALA B 47 25.42 -10.83 12.91
CA ALA B 47 26.44 -11.55 13.70
C ALA B 47 27.79 -10.85 13.59
N ARG B 48 28.19 -10.53 12.36
CA ARG B 48 29.43 -9.79 12.10
C ARG B 48 29.46 -8.43 12.77
N ALA B 49 28.42 -7.63 12.55
CA ALA B 49 28.37 -6.29 13.11
C ALA B 49 28.46 -6.35 14.62
N LEU B 50 27.73 -7.26 15.26
CA LEU B 50 27.77 -7.35 16.71
C LEU B 50 29.17 -7.74 17.21
N ARG B 51 29.74 -8.78 16.59
CA ARG B 51 31.08 -9.24 16.97
C ARG B 51 32.10 -8.11 16.85
N LEU B 52 31.97 -7.34 15.77
CA LEU B 52 32.86 -6.21 15.52
C LEU B 52 32.69 -5.11 16.55
N ALA B 53 31.44 -4.86 16.95
CA ALA B 53 31.18 -3.83 17.96
C ALA B 53 31.76 -4.24 19.31
N CYS B 54 31.57 -5.51 19.68
CA CYS B 54 32.12 -6.04 20.93
C CYS B 54 33.64 -6.05 20.93
N ARG B 55 34.24 -6.33 19.78
CA ARG B 55 35.70 -6.29 19.65
C ARG B 55 36.22 -4.86 19.85
N ALA B 56 35.54 -3.91 19.23
CA ALA B 56 35.87 -2.49 19.40
C ALA B 56 35.88 -2.10 20.88
N TYR B 57 34.95 -2.63 21.66
CA TYR B 57 34.92 -2.31 23.08
C TYR B 57 36.05 -3.00 23.83
N VAL B 58 36.32 -4.26 23.47
CA VAL B 58 37.40 -5.01 24.12
C VAL B 58 38.76 -4.38 23.85
N GLU B 59 38.99 -3.93 22.62
CA GLU B 59 40.27 -3.33 22.24
C GLU B 59 40.43 -1.85 22.65
N THR B 60 39.33 -1.10 22.66
CA THR B 60 39.41 0.34 22.96
C THR B 60 38.79 0.75 24.29
N GLY B 61 37.80 -0.01 24.76
CA GLY B 61 37.16 0.28 26.03
C GLY B 61 36.44 1.61 26.05
N THR B 62 36.11 2.15 24.88
CA THR B 62 35.47 3.46 24.81
C THR B 62 33.97 3.40 25.09
N CYS B 63 33.43 4.53 25.53
CA CYS B 63 32.01 4.70 25.73
C CYS B 63 31.19 4.44 24.44
N GLU B 64 31.68 4.98 23.33
CA GLU B 64 31.05 4.79 22.01
C GLU B 64 30.89 3.33 21.64
N ALA B 65 31.92 2.54 21.88
CA ALA B 65 31.88 1.12 21.51
C ALA B 65 30.91 0.37 22.40
N ALA B 66 30.90 0.72 23.68
CA ALA B 66 30.00 0.09 24.65
C ALA B 66 28.55 0.33 24.27
N VAL B 67 28.23 1.59 23.98
CA VAL B 67 26.88 1.98 23.59
C VAL B 67 26.46 1.28 22.30
N LEU B 68 27.36 1.25 21.34
CA LEU B 68 27.10 0.61 20.06
C LEU B 68 26.77 -0.87 20.25
N ALA B 69 27.60 -1.57 21.01
CA ALA B 69 27.43 -3.01 21.15
C ALA B 69 26.14 -3.35 21.88
N GLU B 70 25.89 -2.65 22.98
CA GLU B 70 24.75 -2.95 23.84
C GLU B 70 23.43 -2.54 23.20
N ASN B 71 23.47 -1.51 22.37
CA ASN B 71 22.25 -0.98 21.76
C ASN B 71 22.12 -1.16 20.25
N LEU B 72 23.00 -1.97 19.69
CA LEU B 72 23.03 -2.24 18.26
C LEU B 72 21.69 -2.76 17.75
N ALA B 73 21.06 -3.63 18.54
CA ALA B 73 19.77 -4.19 18.16
C ALA B 73 18.77 -3.07 17.83
N GLY B 74 18.64 -2.12 18.74
CA GLY B 74 17.72 -1.01 18.53
C GLY B 74 18.15 -0.06 17.43
N LEU B 75 19.43 0.28 17.42
CA LEU B 75 19.93 1.18 16.37
C LEU B 75 19.77 0.57 14.98
N ALA B 76 19.95 -0.74 14.87
CA ALA B 76 19.77 -1.44 13.60
C ALA B 76 18.30 -1.44 13.15
N LEU B 77 17.39 -1.52 14.11
CA LEU B 77 15.98 -1.61 13.77
C LEU B 77 15.38 -0.25 13.44
N TRP B 78 16.06 0.81 13.86
CA TRP B 78 15.49 2.16 13.84
C TRP B 78 15.30 2.66 12.42
N ARG B 79 16.20 2.27 11.52
CA ARG B 79 16.18 2.76 10.14
C ARG B 79 15.68 1.68 9.19
N LEU B 80 15.08 0.64 9.76
CA LEU B 80 14.65 -0.51 9.00
C LEU B 80 13.54 -0.16 8.00
N ARG B 81 13.74 -0.58 6.75
CA ARG B 81 12.70 -0.53 5.73
C ARG B 81 12.17 -1.94 5.49
N HIS B 82 10.96 -2.21 5.94
CA HIS B 82 10.36 -3.54 5.82
C HIS B 82 9.14 -3.51 4.90
N ASP B 83 9.02 -4.52 4.02
CA ASP B 83 7.91 -4.63 3.09
C ASP B 83 6.72 -5.30 3.76
N TRP B 84 5.77 -4.50 4.24
CA TRP B 84 4.67 -5.04 5.03
C TRP B 84 3.71 -5.94 4.26
N ASP B 85 3.80 -5.92 2.93
CA ASP B 85 3.02 -6.87 2.12
C ASP B 85 3.43 -8.30 2.47
N GLU B 86 4.61 -8.44 3.09
CA GLU B 86 5.09 -9.76 3.47
C GLU B 86 4.78 -10.13 4.93
N GLY B 87 4.10 -9.24 5.64
CA GLY B 87 3.67 -9.58 6.99
C GLY B 87 4.79 -9.53 8.01
N THR B 88 4.56 -10.15 9.16
CA THR B 88 5.51 -10.07 10.26
C THR B 88 6.72 -11.03 10.12
N ALA B 89 6.55 -12.08 9.30
CA ALA B 89 7.54 -13.17 9.18
C ALA B 89 9.01 -12.73 9.05
N PRO B 90 9.30 -11.86 8.08
CA PRO B 90 10.68 -11.40 7.87
C PRO B 90 11.25 -10.66 9.07
N LEU B 91 10.39 -9.98 9.82
CA LEU B 91 10.84 -9.26 11.00
C LEU B 91 11.17 -10.21 12.12
N LEU B 92 10.30 -11.20 12.33
CA LEU B 92 10.51 -12.18 13.37
C LEU B 92 11.72 -13.04 13.06
N GLU B 93 11.92 -13.30 11.76
CA GLU B 93 13.09 -14.05 11.33
C GLU B 93 14.36 -13.27 11.69
N LEU B 94 14.32 -11.96 11.46
CA LEU B 94 15.43 -11.10 11.84
C LEU B 94 15.64 -11.11 13.37
N LEU B 95 14.54 -10.99 14.11
CA LEU B 95 14.61 -10.99 15.58
C LEU B 95 15.23 -12.26 16.11
N GLY B 96 14.97 -13.38 15.46
CA GLY B 96 15.52 -14.66 15.88
C GLY B 96 17.03 -14.72 15.73
N VAL B 97 17.56 -14.06 14.71
CA VAL B 97 19.01 -13.92 14.54
C VAL B 97 19.59 -12.97 15.59
N VAL B 98 18.93 -11.83 15.79
CA VAL B 98 19.38 -10.85 16.78
C VAL B 98 19.44 -11.48 18.18
N ASN B 99 18.44 -12.29 18.48
CA ASN B 99 18.28 -12.93 19.79
C ASN B 99 19.04 -14.27 19.91
N GLY B 100 19.84 -14.59 18.90
CA GLY B 100 20.57 -15.86 18.91
C GLY B 100 21.65 -16.01 19.97
N ASP B 101 22.05 -17.25 20.21
CA ASP B 101 23.03 -17.55 21.23
C ASP B 101 24.33 -16.76 21.10
N ASP B 102 24.82 -16.56 19.88
CA ASP B 102 26.09 -15.86 19.71
C ASP B 102 26.01 -14.41 20.14
N THR B 103 24.80 -13.86 20.13
CA THR B 103 24.61 -12.49 20.59
C THR B 103 24.91 -12.41 22.08
N THR B 104 24.28 -13.27 22.87
CA THR B 104 24.58 -13.33 24.30
C THR B 104 26.05 -13.65 24.54
N ALA B 105 26.58 -14.63 23.81
CA ALA B 105 27.98 -15.03 23.95
C ALA B 105 28.93 -13.85 23.73
N ALA B 106 28.74 -13.15 22.61
CA ALA B 106 29.59 -12.03 22.24
C ALA B 106 29.59 -10.90 23.26
N LEU B 107 28.41 -10.53 23.74
CA LEU B 107 28.29 -9.43 24.68
C LEU B 107 28.85 -9.85 26.03
N THR B 108 28.47 -11.03 26.49
CA THR B 108 28.93 -11.55 27.77
C THR B 108 30.46 -11.56 27.84
N GLU B 109 31.08 -12.12 26.82
CA GLU B 109 32.53 -12.22 26.73
C GLU B 109 33.22 -10.87 26.69
N ALA B 110 32.54 -9.86 26.16
CA ALA B 110 33.15 -8.53 26.10
C ALA B 110 32.92 -7.80 27.41
N GLY B 111 32.20 -8.44 28.33
CA GLY B 111 31.88 -7.83 29.62
C GLY B 111 30.73 -6.84 29.56
N LEU B 112 29.84 -7.03 28.59
CA LEU B 112 28.75 -6.08 28.33
C LEU B 112 27.37 -6.70 28.62
N ARG B 113 26.35 -5.87 28.73
CA ARG B 113 25.02 -6.35 29.05
C ARG B 113 24.24 -6.75 27.80
N THR B 114 23.35 -7.72 27.94
CA THR B 114 22.37 -8.02 26.89
C THR B 114 21.07 -7.30 27.20
N SER B 115 21.05 -6.54 28.29
CA SER B 115 19.78 -6.06 28.84
C SER B 115 19.55 -4.57 28.69
N ALA B 116 20.24 -3.89 27.78
CA ALA B 116 19.99 -2.47 27.58
C ALA B 116 18.58 -2.26 27.03
N GLU B 117 18.08 -1.04 27.16
CA GLU B 117 16.75 -0.73 26.67
C GLU B 117 16.64 -0.84 25.14
N PHE B 118 17.77 -0.71 24.44
CA PHE B 118 17.83 -0.99 23.01
C PHE B 118 18.71 -2.22 22.68
N GLY B 119 18.82 -3.12 23.65
CA GLY B 119 19.56 -4.36 23.48
C GLY B 119 18.73 -5.49 22.91
N PRO B 120 19.35 -6.65 22.72
CA PRO B 120 18.70 -7.74 21.98
C PRO B 120 17.55 -8.38 22.74
N ASP B 121 17.70 -8.51 24.06
CA ASP B 121 16.63 -9.04 24.90
C ASP B 121 15.41 -8.16 24.81
N ALA B 122 15.63 -6.85 24.98
CA ALA B 122 14.51 -5.89 24.99
C ALA B 122 13.85 -5.78 23.61
N MET B 123 14.68 -5.65 22.58
CA MET B 123 14.14 -5.58 21.22
C MET B 123 13.43 -6.86 20.79
N PHE B 124 13.99 -8.02 21.12
CA PHE B 124 13.33 -9.28 20.80
C PHE B 124 11.95 -9.37 21.44
N ARG B 125 11.89 -9.02 22.73
CA ARG B 125 10.62 -9.04 23.45
C ARG B 125 9.62 -8.04 22.89
N LEU B 126 9.99 -6.76 22.82
CA LEU B 126 9.05 -5.74 22.39
C LEU B 126 8.62 -5.87 20.93
N VAL B 127 9.57 -6.18 20.03
CA VAL B 127 9.24 -6.24 18.62
C VAL B 127 8.35 -7.45 18.34
N SER B 128 8.62 -8.54 19.06
CA SER B 128 7.77 -9.73 18.95
C SER B 128 6.34 -9.40 19.39
N GLU B 129 6.18 -8.73 20.54
CA GLU B 129 4.85 -8.32 20.97
C GLU B 129 4.21 -7.35 19.99
N TRP B 130 5.00 -6.41 19.50
CA TRP B 130 4.48 -5.42 18.56
C TRP B 130 3.95 -6.12 17.30
N CYS B 131 4.69 -7.12 16.80
CA CYS B 131 4.26 -7.89 15.62
C CYS B 131 3.02 -8.71 15.87
N ALA B 132 2.89 -9.21 17.09
CA ALA B 132 1.70 -9.96 17.46
C ALA B 132 0.51 -9.02 17.47
N ALA B 133 0.73 -7.78 17.92
CA ALA B 133 -0.34 -6.78 17.92
C ALA B 133 -0.66 -6.35 16.48
N PHE B 134 0.37 -6.28 15.63
CA PHE B 134 0.16 -5.97 14.22
C PHE B 134 -0.81 -6.99 13.62
N ASP B 135 -0.51 -8.27 13.82
CA ASP B 135 -1.30 -9.36 13.27
C ASP B 135 -2.73 -9.32 13.75
N GLU B 136 -2.91 -8.99 15.02
CA GLU B 136 -4.24 -8.88 15.60
C GLU B 136 -5.03 -7.72 14.99
N ALA B 137 -4.37 -6.58 14.80
CA ALA B 137 -4.99 -5.42 14.16
C ALA B 137 -5.50 -5.76 12.76
N LEU B 138 -4.82 -6.68 12.09
CA LEU B 138 -5.23 -7.04 10.73
C LEU B 138 -6.15 -8.26 10.68
N ALA B 139 -6.60 -8.74 11.83
CA ALA B 139 -7.38 -9.98 11.85
C ALA B 139 -8.86 -9.81 11.53
N GLY B 140 -9.30 -8.57 11.32
CA GLY B 140 -10.69 -8.30 10.98
C GLY B 140 -11.06 -8.55 9.53
N ALA B 141 -12.12 -7.91 9.06
CA ALA B 141 -12.54 -8.09 7.67
C ALA B 141 -11.45 -7.65 6.72
N ARG B 142 -11.25 -8.40 5.64
CA ARG B 142 -10.28 -8.01 4.64
C ARG B 142 -10.93 -7.89 3.28
N SER B 143 -12.23 -8.15 3.22
CA SER B 143 -12.97 -7.99 1.97
C SER B 143 -14.31 -7.35 2.25
N ALA B 144 -14.86 -6.71 1.23
CA ALA B 144 -16.20 -6.14 1.33
C ALA B 144 -17.18 -7.25 1.71
N ASP B 145 -16.96 -8.44 1.15
CA ASP B 145 -17.78 -9.62 1.44
C ASP B 145 -17.85 -9.94 2.94
N ASP B 146 -16.69 -9.90 3.61
CA ASP B 146 -16.59 -10.15 5.05
C ASP B 146 -17.35 -9.11 5.87
N VAL B 147 -17.23 -7.85 5.49
CA VAL B 147 -17.90 -6.79 6.23
C VAL B 147 -19.41 -6.94 6.12
N LEU B 148 -19.88 -7.20 4.91
CA LEU B 148 -21.30 -7.39 4.69
C LEU B 148 -21.84 -8.47 5.63
N ALA B 149 -21.08 -9.56 5.77
CA ALA B 149 -21.49 -10.70 6.59
C ALA B 149 -21.39 -10.42 8.08
N ALA B 150 -20.48 -9.53 8.48
CA ALA B 150 -20.37 -9.13 9.89
C ALA B 150 -20.04 -7.64 9.99
N PRO B 151 -21.06 -6.78 9.86
CA PRO B 151 -20.80 -5.33 9.74
C PRO B 151 -20.35 -4.66 11.02
N ARG B 152 -19.12 -4.92 11.42
CA ARG B 152 -18.58 -4.30 12.62
C ARG B 152 -18.22 -2.84 12.37
N VAL B 153 -18.74 -1.96 13.22
CA VAL B 153 -18.36 -0.55 13.19
C VAL B 153 -17.22 -0.30 14.18
N VAL B 154 -16.03 -0.09 13.65
CA VAL B 154 -14.82 0.10 14.46
C VAL B 154 -14.38 1.56 14.46
N PRO B 155 -14.21 2.15 15.65
CA PRO B 155 -13.63 3.51 15.69
C PRO B 155 -12.26 3.47 15.01
N PRO B 156 -12.00 4.42 14.10
CA PRO B 156 -10.71 4.37 13.37
C PRO B 156 -9.47 4.42 14.27
N GLU B 157 -9.53 5.10 15.40
CA GLU B 157 -8.37 5.14 16.29
C GLU B 157 -8.24 3.92 17.20
N GLN B 158 -9.15 2.96 17.06
CA GLN B 158 -9.09 1.74 17.87
C GLN B 158 -8.15 0.74 17.23
N THR B 159 -8.17 0.71 15.90
CA THR B 159 -7.44 -0.31 15.17
C THR B 159 -5.97 -0.39 15.53
N ALA B 160 -5.31 0.76 15.61
CA ALA B 160 -3.85 0.78 15.76
C ALA B 160 -3.46 1.05 17.19
N ARG B 161 -4.47 1.16 18.06
CA ARG B 161 -4.32 1.46 19.48
C ARG B 161 -3.14 0.73 20.12
N ALA B 162 -3.15 -0.60 19.99
CA ALA B 162 -2.16 -1.43 20.67
C ALA B 162 -0.74 -1.20 20.14
N LEU B 163 -0.61 -0.65 18.93
CA LEU B 163 0.69 -0.51 18.30
C LEU B 163 1.45 0.73 18.74
N VAL B 164 0.75 1.68 19.37
CA VAL B 164 1.36 2.95 19.77
C VAL B 164 1.19 3.23 21.27
N GLN B 165 0.90 2.18 22.02
CA GLN B 165 0.81 2.29 23.47
C GLN B 165 2.20 2.52 24.08
N PRO B 166 2.24 3.07 25.30
CA PRO B 166 3.48 3.49 25.96
C PRO B 166 4.57 2.41 26.07
N ARG B 167 4.23 1.14 26.19
CA ARG B 167 5.29 0.14 26.32
C ARG B 167 6.10 0.00 25.03
N PHE B 168 5.51 0.50 23.94
CA PHE B 168 6.15 0.52 22.63
C PHE B 168 6.64 1.92 22.27
N ALA B 169 6.74 2.80 23.25
CA ALA B 169 7.24 4.15 22.98
C ALA B 169 8.65 4.13 22.38
N THR B 170 9.50 3.19 22.83
CA THR B 170 10.87 3.15 22.32
C THR B 170 10.93 2.65 20.88
N LEU B 171 9.84 2.06 20.38
CA LEU B 171 9.74 1.64 18.98
C LEU B 171 9.06 2.66 18.06
N TYR B 172 8.37 3.63 18.65
CA TYR B 172 7.49 4.51 17.89
C TYR B 172 8.14 5.22 16.70
N ASP B 173 9.29 5.83 16.91
CA ASP B 173 9.95 6.62 15.88
C ASP B 173 10.67 5.74 14.84
N MET B 174 10.74 4.43 15.09
CA MET B 174 11.46 3.54 14.19
C MET B 174 10.70 3.39 12.87
N ASP B 175 11.43 3.33 11.76
CA ASP B 175 10.80 3.44 10.44
C ASP B 175 9.80 2.34 10.19
N PHE B 176 10.14 1.11 10.56
CA PHE B 176 9.22 -0.01 10.30
C PHE B 176 7.92 0.13 11.08
N VAL B 177 7.97 0.75 12.26
CA VAL B 177 6.73 1.00 13.01
C VAL B 177 5.85 2.00 12.24
N GLN B 178 6.43 3.10 11.79
CA GLN B 178 5.68 4.11 11.07
C GLN B 178 5.14 3.60 9.73
N ASP B 179 5.94 2.79 9.03
CA ASP B 179 5.45 2.16 7.80
C ASP B 179 4.33 1.18 8.14
N GLY B 180 4.46 0.48 9.26
CA GLY B 180 3.48 -0.51 9.64
C GLY B 180 2.13 0.16 9.94
N LEU B 181 2.18 1.33 10.55
CA LEU B 181 0.97 2.12 10.83
C LEU B 181 0.25 2.54 9.54
N ARG B 182 1.03 2.96 8.56
CA ARG B 182 0.48 3.29 7.24
C ARG B 182 -0.26 2.11 6.64
N TYR B 183 0.37 0.93 6.72
CA TYR B 183 -0.20 -0.31 6.20
C TYR B 183 -1.48 -0.68 6.90
N VAL B 184 -1.49 -0.62 8.23
CA VAL B 184 -2.68 -0.97 8.97
C VAL B 184 -3.84 -0.05 8.60
N ALA B 185 -3.57 1.25 8.54
CA ALA B 185 -4.59 2.25 8.21
C ALA B 185 -5.20 1.94 6.84
N GLN B 186 -4.32 1.75 5.85
CA GLN B 186 -4.71 1.51 4.47
C GLN B 186 -5.58 0.26 4.32
N HIS B 187 -5.37 -0.73 5.16
CA HIS B 187 -6.10 -1.98 5.11
C HIS B 187 -7.30 -2.14 6.03
N THR B 188 -7.66 -1.12 6.79
CA THR B 188 -8.75 -1.21 7.73
C THR B 188 -9.81 -0.12 7.67
N ASN B 189 -9.39 1.11 7.47
CA ASN B 189 -10.26 2.25 7.58
C ASN B 189 -11.42 2.17 6.59
N TRP B 190 -11.12 1.68 5.41
CA TRP B 190 -12.08 1.64 4.30
C TRP B 190 -13.39 0.95 4.68
N ALA B 191 -13.33 0.07 5.67
CA ALA B 191 -14.51 -0.74 6.02
C ALA B 191 -15.55 0.03 6.80
N LEU B 192 -15.13 1.08 7.50
CA LEU B 192 -16.07 1.85 8.33
C LEU B 192 -17.30 2.37 7.55
N PRO B 193 -17.09 3.08 6.43
CA PRO B 193 -18.25 3.57 5.66
C PRO B 193 -19.14 2.43 5.15
N LEU B 194 -18.53 1.30 4.81
CA LEU B 194 -19.30 0.14 4.39
C LEU B 194 -20.16 -0.43 5.51
N ALA B 195 -19.56 -0.63 6.68
CA ALA B 195 -20.28 -1.16 7.82
C ALA B 195 -21.43 -0.22 8.22
N LEU B 196 -21.17 1.08 8.15
CA LEU B 196 -22.20 2.08 8.48
C LEU B 196 -23.33 2.08 7.45
N ALA B 197 -23.00 1.93 6.17
CA ALA B 197 -24.05 1.84 5.15
C ALA B 197 -24.87 0.55 5.28
N VAL B 198 -24.21 -0.57 5.57
CA VAL B 198 -24.90 -1.83 5.81
C VAL B 198 -25.90 -1.72 6.97
N ARG B 199 -25.49 -1.12 8.08
CA ARG B 199 -26.40 -0.92 9.21
C ARG B 199 -27.72 -0.24 8.82
N GLN B 200 -27.64 0.79 7.97
CA GLN B 200 -28.85 1.46 7.48
C GLN B 200 -29.69 0.56 6.58
N MET B 201 -29.03 -0.12 5.66
CA MET B 201 -29.70 -1.05 4.76
C MET B 201 -30.49 -2.10 5.52
N GLN B 202 -29.97 -2.47 6.69
CA GLN B 202 -30.55 -3.53 7.51
C GLN B 202 -31.37 -2.97 8.65
N ASN B 203 -31.53 -1.65 8.69
CA ASN B 203 -32.29 -1.02 9.77
C ASN B 203 -33.77 -1.12 9.43
N GLU B 204 -34.46 -2.05 10.08
CA GLU B 204 -35.88 -2.30 9.81
C GLU B 204 -36.77 -1.11 10.19
N GLY B 205 -36.18 -0.13 10.87
CA GLY B 205 -36.91 1.06 11.28
C GLY B 205 -36.97 2.14 10.21
N LEU B 206 -36.23 1.93 9.13
CA LEU B 206 -36.21 2.88 8.01
C LEU B 206 -37.23 2.44 6.96
N LYS B 207 -37.59 3.35 6.07
CA LYS B 207 -38.51 3.03 4.99
C LYS B 207 -37.81 2.21 3.93
N PRO B 208 -38.57 1.40 3.19
CA PRO B 208 -38.07 0.53 2.13
C PRO B 208 -37.26 1.29 1.06
N LEU B 209 -37.70 2.50 0.71
CA LEU B 209 -36.95 3.28 -0.28
C LEU B 209 -35.56 3.65 0.24
N THR B 210 -35.49 4.08 1.50
CA THR B 210 -34.22 4.45 2.11
C THR B 210 -33.28 3.25 2.09
N ARG B 211 -33.78 2.10 2.51
CA ARG B 211 -32.96 0.90 2.61
C ARG B 211 -32.52 0.44 1.25
N ALA B 212 -33.42 0.49 0.28
CA ALA B 212 -33.06 0.16 -1.09
C ALA B 212 -31.96 1.07 -1.62
N LEU B 213 -32.09 2.37 -1.38
CA LEU B 213 -31.09 3.31 -1.88
C LEU B 213 -29.71 3.10 -1.22
N PHE B 214 -29.69 2.82 0.07
CA PHE B 214 -28.42 2.55 0.75
C PHE B 214 -27.72 1.34 0.14
N ALA B 215 -28.50 0.31 -0.17
CA ALA B 215 -27.97 -0.88 -0.81
C ALA B 215 -27.27 -0.57 -2.12
N LEU B 216 -27.84 0.34 -2.91
CA LEU B 216 -27.21 0.73 -4.17
C LEU B 216 -25.89 1.46 -3.91
N THR B 217 -25.85 2.30 -2.89
CA THR B 217 -24.61 2.98 -2.53
C THR B 217 -23.52 1.96 -2.19
N ILE B 218 -23.90 0.88 -1.53
CA ILE B 218 -22.93 -0.15 -1.16
C ILE B 218 -22.43 -0.86 -2.42
N ALA B 219 -23.36 -1.24 -3.29
CA ALA B 219 -23.00 -1.93 -4.52
C ALA B 219 -22.03 -1.10 -5.33
N ASP B 220 -22.33 0.20 -5.46
CA ASP B 220 -21.52 1.08 -6.28
C ASP B 220 -20.19 1.45 -5.65
N GLU B 221 -20.18 1.69 -4.34
CA GLU B 221 -18.96 2.11 -3.65
CA GLU B 221 -18.95 2.11 -3.67
C GLU B 221 -18.01 0.95 -3.34
N PHE B 222 -18.57 -0.23 -3.03
CA PHE B 222 -17.73 -1.33 -2.55
C PHE B 222 -17.70 -2.64 -3.34
N PHE B 223 -18.66 -2.86 -4.23
CA PHE B 223 -18.64 -4.10 -5.01
C PHE B 223 -18.43 -3.89 -6.50
N HIS B 224 -18.89 -2.76 -7.02
CA HIS B 224 -18.83 -2.49 -8.45
C HIS B 224 -19.53 -3.62 -9.20
N ASP B 225 -18.73 -4.45 -9.86
CA ASP B 225 -19.25 -5.53 -10.70
C ASP B 225 -19.30 -6.89 -10.02
N ARG B 226 -18.49 -7.06 -8.98
CA ARG B 226 -18.55 -8.26 -8.15
C ARG B 226 -19.93 -8.39 -7.54
N GLN B 227 -20.53 -9.57 -7.67
CA GLN B 227 -21.87 -9.78 -7.15
C GLN B 227 -21.85 -10.51 -5.82
N ASN B 228 -22.67 -10.01 -4.89
CA ASN B 228 -22.74 -10.57 -3.55
C ASN B 228 -24.17 -10.96 -3.22
N PRO B 229 -24.45 -12.26 -3.20
CA PRO B 229 -25.78 -12.84 -3.03
C PRO B 229 -26.61 -12.16 -1.94
N THR B 230 -26.02 -11.86 -0.80
CA THR B 230 -26.78 -11.27 0.30
C THR B 230 -27.15 -9.81 0.05
N LEU B 231 -26.25 -9.05 -0.57
CA LEU B 231 -26.55 -7.69 -0.99
C LEU B 231 -27.71 -7.71 -1.98
N ARG B 232 -27.56 -8.54 -3.02
CA ARG B 232 -28.63 -8.77 -4.00
C ARG B 232 -29.98 -9.06 -3.35
N GLU B 233 -30.00 -10.00 -2.42
CA GLU B 233 -31.23 -10.42 -1.76
C GLU B 233 -31.89 -9.26 -1.04
N GLN B 234 -31.10 -8.44 -0.36
CA GLN B 234 -31.65 -7.37 0.47
C GLN B 234 -32.15 -6.17 -0.35
N PHE B 235 -31.46 -5.85 -1.44
CA PHE B 235 -31.94 -4.80 -2.32
C PHE B 235 -33.30 -5.18 -2.92
N ALA B 236 -33.39 -6.40 -3.45
CA ALA B 236 -34.64 -6.90 -4.03
C ALA B 236 -35.80 -6.83 -3.04
N GLU B 237 -35.58 -7.34 -1.84
CA GLU B 237 -36.59 -7.32 -0.80
C GLU B 237 -37.06 -5.89 -0.51
N ALA B 238 -36.13 -4.95 -0.54
CA ALA B 238 -36.45 -3.56 -0.27
C ALA B 238 -37.19 -2.94 -1.45
N ALA B 239 -36.70 -3.23 -2.65
CA ALA B 239 -37.27 -2.68 -3.88
C ALA B 239 -38.72 -3.09 -4.08
N ARG B 240 -39.10 -4.24 -3.54
CA ARG B 240 -40.46 -4.73 -3.67
C ARG B 240 -41.43 -4.03 -2.71
N ALA B 241 -40.92 -3.57 -1.58
CA ALA B 241 -41.75 -2.85 -0.62
C ALA B 241 -41.76 -1.36 -0.89
N VAL B 242 -41.12 -0.95 -1.98
CA VAL B 242 -41.10 0.46 -2.34
C VAL B 242 -42.44 0.93 -2.88
N ASP B 243 -42.93 2.04 -2.33
CA ASP B 243 -44.19 2.63 -2.74
C ASP B 243 -44.16 2.95 -4.24
N GLU B 244 -45.22 2.59 -4.97
CA GLU B 244 -45.33 2.95 -6.38
C GLU B 244 -45.42 4.48 -6.51
N ALA B 245 -45.90 5.13 -5.46
CA ALA B 245 -46.04 6.59 -5.42
C ALA B 245 -44.70 7.31 -5.54
N ALA B 246 -43.65 6.67 -5.01
CA ALA B 246 -42.30 7.22 -5.08
C ALA B 246 -41.85 7.33 -6.53
N LEU B 247 -42.41 6.47 -7.36
CA LEU B 247 -42.13 6.50 -8.79
C LEU B 247 -42.99 7.59 -9.45
N VAL B 248 -42.54 8.06 -10.62
CA VAL B 248 -43.26 9.10 -11.34
C VAL B 248 -43.81 8.58 -12.69
N PRO B 249 -45.00 9.05 -13.03
CA PRO B 249 -45.76 8.56 -14.16
C PRO B 249 -45.04 8.57 -15.50
N VAL B 250 -45.16 7.44 -16.21
CA VAL B 250 -44.57 7.29 -17.53
C VAL B 250 -45.28 8.21 -18.50
N GLY B 251 -44.62 8.55 -19.61
CA GLY B 251 -45.19 9.45 -20.59
C GLY B 251 -45.27 10.89 -20.09
N GLU B 252 -44.88 11.10 -18.84
CA GLU B 252 -44.72 12.46 -18.33
C GLU B 252 -43.40 13.00 -18.82
N VAL B 253 -43.28 14.32 -18.91
CA VAL B 253 -42.07 14.93 -19.43
C VAL B 253 -40.87 14.69 -18.50
N ASN B 254 -39.72 14.40 -19.13
CA ASN B 254 -38.48 14.11 -18.42
C ASN B 254 -38.57 12.86 -17.53
N ALA B 255 -39.45 11.92 -17.90
CA ALA B 255 -39.63 10.68 -17.13
C ALA B 255 -38.44 9.77 -17.34
N THR B 256 -37.94 9.74 -18.58
CA THR B 256 -36.63 9.16 -18.84
C THR B 256 -35.64 9.68 -17.82
N PRO B 257 -34.99 8.77 -17.09
CA PRO B 257 -33.87 9.16 -16.23
C PRO B 257 -33.00 10.21 -16.92
N ARG B 258 -32.96 11.40 -16.33
CA ARG B 258 -32.24 12.55 -16.90
C ARG B 258 -30.75 12.37 -16.68
N THR B 259 -30.41 11.82 -15.52
CA THR B 259 -29.02 11.74 -15.07
C THR B 259 -28.49 10.32 -15.06
N ALA B 260 -27.17 10.19 -15.12
CA ALA B 260 -26.52 8.89 -15.01
C ALA B 260 -26.90 8.24 -13.69
N VAL B 261 -27.13 9.07 -12.67
CA VAL B 261 -27.57 8.58 -11.38
C VAL B 261 -28.96 7.96 -11.49
N GLU B 262 -29.89 8.71 -12.08
CA GLU B 262 -31.26 8.22 -12.19
C GLU B 262 -31.37 6.96 -13.04
N VAL B 263 -30.54 6.83 -14.06
CA VAL B 263 -30.59 5.62 -14.88
C VAL B 263 -30.26 4.37 -14.06
N ARG B 264 -29.10 4.37 -13.40
CA ARG B 264 -28.73 3.22 -12.58
C ARG B 264 -29.72 2.97 -11.44
N VAL B 265 -30.26 4.03 -10.86
CA VAL B 265 -31.25 3.83 -9.80
C VAL B 265 -32.55 3.28 -10.37
N SER B 266 -32.94 3.79 -11.54
CA SER B 266 -34.17 3.35 -12.20
C SER B 266 -34.07 1.90 -12.66
N ALA B 267 -32.98 1.59 -13.37
CA ALA B 267 -32.70 0.25 -13.87
C ALA B 267 -32.82 -0.80 -12.76
N ALA B 268 -32.01 -0.64 -11.72
CA ALA B 268 -32.02 -1.54 -10.58
C ALA B 268 -33.41 -1.63 -9.97
N LEU B 269 -34.06 -0.49 -9.80
CA LEU B 269 -35.37 -0.45 -9.17
C LEU B 269 -36.43 -1.19 -9.98
N ALA B 270 -36.31 -1.13 -11.30
CA ALA B 270 -37.25 -1.81 -12.18
C ALA B 270 -37.09 -3.33 -12.13
N HIS B 271 -35.84 -3.80 -12.04
CA HIS B 271 -35.54 -5.22 -12.09
C HIS B 271 -35.47 -5.90 -10.73
N GLY B 272 -35.47 -5.12 -9.66
CA GLY B 272 -35.25 -5.66 -8.33
C GLY B 272 -33.86 -6.26 -8.21
N ASP B 273 -32.97 -5.81 -9.10
CA ASP B 273 -31.60 -6.30 -9.15
C ASP B 273 -30.60 -5.15 -9.02
N ALA B 274 -29.87 -5.14 -7.90
CA ALA B 274 -28.91 -4.06 -7.61
C ALA B 274 -27.79 -3.93 -8.63
N TYR B 275 -27.46 -5.02 -9.30
CA TYR B 275 -26.32 -4.99 -10.22
C TYR B 275 -26.71 -4.62 -11.66
N VAL B 276 -27.95 -4.19 -11.85
CA VAL B 276 -28.41 -3.67 -13.13
C VAL B 276 -28.29 -2.15 -13.15
N ARG B 277 -27.35 -1.63 -13.93
CA ARG B 277 -27.09 -0.19 -13.96
C ARG B 277 -27.53 0.53 -15.23
N GLU B 278 -27.88 -0.25 -16.26
CA GLU B 278 -28.34 0.32 -17.52
C GLU B 278 -29.70 -0.25 -17.93
N LEU B 279 -30.29 0.35 -18.97
CA LEU B 279 -31.44 -0.23 -19.64
C LEU B 279 -31.22 -0.10 -21.15
N ARG B 280 -31.80 -1.00 -21.93
CA ARG B 280 -31.73 -0.88 -23.38
C ARG B 280 -32.80 0.09 -23.89
N PRO B 281 -32.59 0.63 -25.10
CA PRO B 281 -33.64 1.41 -25.75
C PRO B 281 -34.87 0.53 -25.95
N GLY B 282 -36.07 1.09 -25.77
CA GLY B 282 -37.30 0.31 -25.86
C GLY B 282 -37.77 -0.14 -24.49
N THR B 283 -36.84 -0.25 -23.55
CA THR B 283 -37.18 -0.54 -22.16
C THR B 283 -37.32 0.74 -21.37
N VAL B 284 -38.42 0.89 -20.67
CA VAL B 284 -38.83 2.17 -20.21
C VAL B 284 -39.00 2.27 -18.70
N ALA B 285 -37.87 2.20 -18.00
CA ALA B 285 -37.93 2.26 -16.55
C ALA B 285 -38.26 3.65 -16.13
N ARG B 286 -39.30 3.77 -15.32
CA ARG B 286 -39.72 5.00 -14.67
C ARG B 286 -38.66 5.47 -13.67
N ARG B 287 -38.37 6.78 -13.63
CA ARG B 287 -37.42 7.37 -12.68
C ARG B 287 -38.11 7.70 -11.36
N LEU B 288 -37.31 7.85 -10.31
CA LEU B 288 -37.84 8.27 -9.01
C LEU B 288 -38.17 9.76 -9.01
N ARG B 289 -39.23 10.13 -8.31
CA ARG B 289 -39.62 11.53 -8.17
C ARG B 289 -38.54 12.37 -7.47
N THR B 290 -38.42 13.64 -7.87
CA THR B 290 -37.53 14.57 -7.19
C THR B 290 -38.26 15.87 -6.87
N ASP B 291 -39.60 15.80 -6.85
CA ASP B 291 -40.42 16.90 -6.37
C ASP B 291 -40.47 16.85 -4.85
N GLN B 292 -40.80 17.97 -4.23
CA GLN B 292 -40.74 18.13 -2.77
C GLN B 292 -41.56 17.07 -2.03
N GLY B 293 -42.57 16.54 -2.71
CA GLY B 293 -43.42 15.52 -2.11
C GLY B 293 -42.70 14.20 -1.84
N VAL B 294 -41.69 13.89 -2.66
CA VAL B 294 -40.99 12.61 -2.55
C VAL B 294 -40.32 12.45 -1.18
N LEU B 295 -40.05 13.57 -0.53
CA LEU B 295 -39.41 13.54 0.79
C LEU B 295 -40.28 12.80 1.79
N ALA B 296 -41.56 12.64 1.46
CA ALA B 296 -42.50 11.99 2.36
C ALA B 296 -42.30 10.48 2.36
N LEU B 297 -41.63 9.98 1.32
CA LEU B 297 -41.35 8.56 1.21
C LEU B 297 -39.93 8.25 1.66
N LEU B 298 -39.30 9.21 2.33
CA LEU B 298 -37.95 9.03 2.83
C LEU B 298 -37.93 9.28 4.32
N ASP B 299 -36.81 8.94 4.94
CA ASP B 299 -36.63 9.16 6.37
C ASP B 299 -36.01 10.51 6.62
N PRO B 300 -36.54 11.23 7.62
CA PRO B 300 -36.20 12.63 7.90
C PRO B 300 -34.71 12.86 8.07
N GLY B 301 -34.01 11.87 8.60
CA GLY B 301 -32.60 12.01 8.86
C GLY B 301 -31.68 11.57 7.72
N ALA B 302 -32.25 11.02 6.65
CA ALA B 302 -31.43 10.48 5.56
C ALA B 302 -31.96 10.78 4.15
N GLN B 303 -32.52 11.96 3.93
CA GLN B 303 -33.13 12.24 2.64
C GLN B 303 -32.07 12.27 1.54
N ALA B 304 -30.86 12.68 1.91
CA ALA B 304 -29.78 12.82 0.97
C ALA B 304 -29.38 11.51 0.31
N VAL B 305 -29.80 10.37 0.85
CA VAL B 305 -29.49 9.09 0.20
C VAL B 305 -30.22 8.99 -1.15
N HIS B 306 -31.32 9.72 -1.28
CA HIS B 306 -31.98 9.90 -2.58
C HIS B 306 -31.31 11.12 -3.19
N VAL B 307 -30.12 10.91 -3.72
CA VAL B 307 -29.24 12.01 -4.08
C VAL B 307 -29.80 12.81 -5.29
N ALA B 308 -30.52 12.14 -6.18
CA ALA B 308 -31.12 12.81 -7.33
C ALA B 308 -32.10 13.89 -6.87
N ALA B 309 -32.91 13.57 -5.87
CA ALA B 309 -33.79 14.54 -5.27
C ALA B 309 -33.02 15.65 -4.56
N ALA B 310 -32.03 15.26 -3.74
CA ALA B 310 -31.25 16.23 -2.98
C ALA B 310 -30.56 17.25 -3.88
N ALA B 311 -30.17 16.80 -5.07
CA ALA B 311 -29.44 17.66 -6.01
C ALA B 311 -30.36 18.43 -6.97
N ASP B 312 -31.65 18.13 -6.96
CA ASP B 312 -32.59 18.84 -7.84
C ASP B 312 -33.07 20.11 -7.15
N LEU B 313 -32.17 21.08 -7.00
CA LEU B 313 -32.39 22.21 -6.11
C LEU B 313 -33.48 23.18 -6.58
N ASP B 314 -33.79 23.14 -7.85
CA ASP B 314 -34.85 23.99 -8.40
C ASP B 314 -36.21 23.54 -7.91
N HIS B 315 -36.34 22.26 -7.63
CA HIS B 315 -37.63 21.67 -7.29
C HIS B 315 -37.76 21.34 -5.81
N THR B 316 -36.64 20.93 -5.21
CA THR B 316 -36.66 20.29 -3.91
C THR B 316 -35.58 20.82 -2.97
N GLN B 317 -35.95 20.99 -1.71
CA GLN B 317 -34.98 21.32 -0.68
C GLN B 317 -34.99 20.24 0.40
N VAL B 318 -33.97 19.40 0.41
CA VAL B 318 -33.83 18.43 1.49
C VAL B 318 -33.39 19.17 2.74
N ASP B 319 -33.63 18.58 3.91
CA ASP B 319 -33.24 19.21 5.17
C ASP B 319 -31.96 18.56 5.68
N ALA B 320 -30.86 19.31 5.59
CA ALA B 320 -29.59 18.84 6.07
C ALA B 320 -29.13 19.57 7.32
N THR B 321 -30.05 20.31 7.95
CA THR B 321 -29.69 21.07 9.16
C THR B 321 -29.29 20.14 10.30
N GLY B 322 -29.95 18.99 10.40
CA GLY B 322 -29.63 18.06 11.47
C GLY B 322 -28.29 17.37 11.24
N VAL B 323 -28.03 16.97 9.98
CA VAL B 323 -26.78 16.29 9.72
C VAL B 323 -25.64 17.28 9.84
N TRP B 324 -25.86 18.52 9.43
CA TRP B 324 -24.80 19.51 9.45
C TRP B 324 -24.45 19.83 10.90
N GLU B 325 -25.48 19.89 11.73
CA GLU B 325 -25.30 20.09 13.17
C GLU B 325 -24.43 18.97 13.75
N ALA B 326 -24.77 17.72 13.42
CA ALA B 326 -24.05 16.56 13.94
C ALA B 326 -22.61 16.48 13.45
N VAL B 327 -22.39 16.88 12.20
CA VAL B 327 -21.04 16.87 11.62
C VAL B 327 -20.16 17.87 12.36
N GLN B 328 -20.70 19.05 12.61
CA GLN B 328 -20.00 20.10 13.33
C GLN B 328 -19.67 19.72 14.77
N ALA B 329 -20.56 18.97 15.40
CA ALA B 329 -20.39 18.62 16.81
C ALA B 329 -19.44 17.43 16.97
N SER B 330 -19.15 16.76 15.87
CA SER B 330 -18.28 15.58 15.86
C SER B 330 -16.86 15.94 16.24
N ALA B 331 -16.27 15.14 17.11
CA ALA B 331 -14.91 15.39 17.54
C ALA B 331 -13.98 14.19 17.29
N SER B 332 -14.47 13.18 16.56
CA SER B 332 -13.63 12.04 16.18
C SER B 332 -14.00 11.56 14.78
N PRO B 333 -13.12 10.78 14.14
CA PRO B 333 -13.47 10.25 12.83
C PRO B 333 -14.74 9.39 12.90
N LEU B 334 -14.92 8.61 13.98
CA LEU B 334 -16.09 7.75 14.04
C LEU B 334 -17.37 8.58 14.07
N GLN B 335 -17.35 9.65 14.85
CA GLN B 335 -18.55 10.46 15.03
C GLN B 335 -18.94 11.11 13.71
N VAL B 336 -17.96 11.71 13.04
CA VAL B 336 -18.26 12.45 11.82
C VAL B 336 -18.64 11.52 10.68
N VAL B 337 -17.92 10.41 10.54
CA VAL B 337 -18.25 9.45 9.49
C VAL B 337 -19.63 8.82 9.73
N GLU B 338 -19.93 8.53 10.99
CA GLU B 338 -21.25 7.98 11.31
C GLU B 338 -22.34 9.00 10.99
N ALA B 339 -22.07 10.27 11.25
CA ALA B 339 -23.07 11.31 11.01
C ALA B 339 -23.32 11.42 9.50
N LEU B 340 -22.24 11.40 8.74
CA LEU B 340 -22.32 11.55 7.28
C LEU B 340 -23.04 10.37 6.63
N VAL B 341 -22.53 9.18 6.87
CA VAL B 341 -23.03 7.99 6.21
C VAL B 341 -24.47 7.68 6.61
N THR B 342 -24.77 7.82 7.90
CA THR B 342 -26.14 7.65 8.38
C THR B 342 -27.12 8.56 7.66
N ALA B 343 -26.68 9.75 7.31
CA ALA B 343 -27.53 10.76 6.69
C ALA B 343 -27.61 10.61 5.17
N GLY B 344 -26.84 9.68 4.61
CA GLY B 344 -26.87 9.47 3.17
C GLY B 344 -25.75 10.18 2.44
N PHE B 345 -24.88 10.84 3.19
CA PHE B 345 -23.72 11.50 2.62
C PHE B 345 -22.54 10.54 2.47
N THR B 346 -22.73 9.54 1.63
CA THR B 346 -21.68 8.62 1.23
C THR B 346 -20.61 9.40 0.45
N ARG B 347 -19.48 8.77 0.15
CA ARG B 347 -18.40 9.43 -0.59
CA ARG B 347 -18.41 9.45 -0.58
C ARG B 347 -18.91 10.02 -1.91
N ARG B 348 -19.67 9.22 -2.65
CA ARG B 348 -20.12 9.65 -3.97
C ARG B 348 -21.20 10.71 -3.86
N HIS B 349 -22.02 10.62 -2.82
CA HIS B 349 -23.06 11.63 -2.62
C HIS B 349 -22.49 12.99 -2.24
N CYS B 350 -21.47 13.01 -1.42
CA CYS B 350 -20.79 14.27 -1.12
C CYS B 350 -20.30 14.94 -2.40
N ASP B 351 -19.65 14.16 -3.25
CA ASP B 351 -19.14 14.68 -4.51
C ASP B 351 -20.26 15.29 -5.35
N LEU B 352 -21.36 14.56 -5.48
CA LEU B 352 -22.46 15.03 -6.31
C LEU B 352 -23.11 16.29 -5.75
N LEU B 353 -23.29 16.33 -4.43
CA LEU B 353 -24.02 17.43 -3.81
C LEU B 353 -23.15 18.67 -3.62
N GLU B 354 -21.85 18.47 -3.41
CA GLU B 354 -20.92 19.60 -3.42
C GLU B 354 -21.00 20.34 -4.75
N ARG B 355 -20.93 19.58 -5.84
CA ARG B 355 -20.97 20.15 -7.18
C ARG B 355 -22.29 20.89 -7.42
N ALA B 356 -23.40 20.25 -7.07
CA ALA B 356 -24.71 20.81 -7.32
C ALA B 356 -24.98 22.10 -6.52
N VAL B 357 -24.51 22.14 -5.28
CA VAL B 357 -24.73 23.31 -4.44
C VAL B 357 -23.73 24.40 -4.82
N LEU B 358 -22.47 24.01 -5.04
CA LEU B 358 -21.46 25.01 -5.36
C LEU B 358 -21.71 25.62 -6.76
N ASP B 359 -22.39 24.88 -7.61
CA ASP B 359 -22.72 25.42 -8.92
C ASP B 359 -23.76 26.54 -8.79
N ARG B 360 -24.30 26.75 -7.60
CA ARG B 360 -25.29 27.80 -7.39
C ARG B 360 -24.81 28.98 -6.57
N ALA B 361 -23.57 28.92 -6.08
CA ALA B 361 -23.02 30.04 -5.33
C ALA B 361 -22.75 31.21 -6.27
N PRO B 362 -22.65 32.43 -5.73
CA PRO B 362 -22.70 32.81 -4.31
C PRO B 362 -24.10 32.91 -3.71
N ARG B 363 -25.15 32.94 -4.53
CA ARG B 363 -26.49 33.19 -3.99
C ARG B 363 -27.16 31.89 -3.53
N LEU B 364 -26.87 31.53 -2.28
CA LEU B 364 -27.39 30.28 -1.71
C LEU B 364 -28.40 30.61 -0.63
N THR B 365 -29.41 29.74 -0.46
CA THR B 365 -30.29 29.85 0.69
C THR B 365 -29.64 29.18 1.90
N ASP B 366 -30.18 29.43 3.09
CA ASP B 366 -29.64 28.84 4.30
C ASP B 366 -29.77 27.32 4.26
N ALA B 367 -30.86 26.83 3.67
CA ALA B 367 -31.05 25.38 3.55
C ALA B 367 -30.05 24.76 2.55
N GLN B 368 -29.71 25.49 1.50
CA GLN B 368 -28.68 25.02 0.56
C GLN B 368 -27.30 25.02 1.20
N ARG B 369 -27.06 26.01 2.06
CA ARG B 369 -25.78 26.16 2.75
C ARG B 369 -25.46 24.96 3.63
N ALA B 370 -26.49 24.45 4.29
CA ALA B 370 -26.36 23.28 5.15
C ALA B 370 -25.99 22.04 4.33
N VAL B 371 -26.70 21.85 3.22
CA VAL B 371 -26.36 20.77 2.27
C VAL B 371 -24.94 20.92 1.75
N GLY B 372 -24.59 22.11 1.28
CA GLY B 372 -23.26 22.38 0.76
C GLY B 372 -22.14 22.20 1.77
N CYS B 373 -22.34 22.69 2.99
CA CYS B 373 -21.35 22.53 4.04
C CYS B 373 -21.13 21.06 4.36
N THR B 374 -22.24 20.34 4.54
CA THR B 374 -22.14 18.92 4.83
C THR B 374 -21.38 18.17 3.72
N ALA B 375 -21.70 18.46 2.46
CA ALA B 375 -21.02 17.83 1.34
C ALA B 375 -19.53 18.17 1.24
N VAL B 376 -19.18 19.43 1.41
CA VAL B 376 -17.78 19.85 1.28
C VAL B 376 -16.95 19.23 2.40
N VAL B 377 -17.41 19.37 3.64
CA VAL B 377 -16.67 18.80 4.77
C VAL B 377 -16.61 17.28 4.61
N GLY B 378 -17.75 16.69 4.25
CA GLY B 378 -17.84 15.25 4.08
C GLY B 378 -16.89 14.67 3.04
N GLY B 379 -16.67 15.40 1.96
CA GLY B 379 -15.75 14.99 0.93
C GLY B 379 -14.32 15.03 1.43
N VAL B 380 -13.99 16.03 2.26
CA VAL B 380 -12.65 16.12 2.81
C VAL B 380 -12.46 14.97 3.83
N VAL B 381 -13.47 14.78 4.68
CA VAL B 381 -13.47 13.65 5.63
C VAL B 381 -13.24 12.32 4.93
N HIS B 382 -13.99 12.07 3.86
CA HIS B 382 -13.91 10.79 3.14
C HIS B 382 -12.55 10.59 2.52
N ARG B 383 -11.91 11.67 2.10
CA ARG B 383 -10.55 11.61 1.54
C ARG B 383 -9.52 11.26 2.59
N LEU B 384 -9.71 11.76 3.80
CA LEU B 384 -8.74 11.53 4.89
C LEU B 384 -8.87 10.17 5.54
N LEU B 385 -10.06 9.61 5.47
CA LEU B 385 -10.40 8.46 6.30
C LEU B 385 -9.49 7.28 6.03
N ASP B 386 -9.16 7.06 4.75
CA ASP B 386 -8.37 5.87 4.41
C ASP B 386 -6.97 5.93 5.03
N ASP B 387 -6.50 7.14 5.32
CA ASP B 387 -5.17 7.33 5.85
C ASP B 387 -5.13 7.43 7.37
N TYR B 388 -6.29 7.52 7.99
CA TYR B 388 -6.36 7.92 9.40
C TYR B 388 -5.59 7.00 10.33
N GLY B 389 -4.74 7.61 11.15
CA GLY B 389 -4.01 6.86 12.16
C GLY B 389 -3.13 7.72 13.04
N PRO B 390 -2.42 7.06 13.99
CA PRO B 390 -1.65 7.77 15.00
C PRO B 390 -0.19 7.93 14.62
N GLY B 391 0.09 7.95 13.33
CA GLY B 391 1.46 7.99 12.88
C GLY B 391 1.84 9.17 11.98
N LEU B 392 3.11 9.18 11.61
CA LEU B 392 3.70 10.21 10.77
C LEU B 392 3.08 10.26 9.37
N ASP B 393 2.72 9.09 8.85
CA ASP B 393 2.11 9.00 7.52
CA ASP B 393 2.17 9.05 7.51
C ASP B 393 0.80 9.75 7.47
N TYR B 394 0.05 9.71 8.57
CA TYR B 394 -1.22 10.43 8.61
C TYR B 394 -0.99 11.92 8.74
N VAL B 395 0.04 12.31 9.50
CA VAL B 395 0.39 13.73 9.58
C VAL B 395 0.65 14.29 8.19
N ARG B 396 1.42 13.55 7.39
CA ARG B 396 1.73 13.94 6.01
C ARG B 396 0.51 13.94 5.10
N ALA B 397 -0.32 12.91 5.19
CA ALA B 397 -1.54 12.85 4.40
C ALA B 397 -2.48 14.01 4.72
N TYR B 398 -2.67 14.27 6.00
CA TYR B 398 -3.57 15.32 6.45
C TYR B 398 -3.10 16.69 5.96
N THR B 399 -1.80 16.94 6.09
CA THR B 399 -1.21 18.22 5.67
C THR B 399 -1.43 18.48 4.19
N ASP B 400 -1.24 17.44 3.38
CA ASP B 400 -1.51 17.53 1.94
C ASP B 400 -2.96 17.91 1.66
N VAL B 401 -3.89 17.35 2.44
CA VAL B 401 -5.29 17.66 2.23
C VAL B 401 -5.60 19.09 2.67
N ALA B 402 -5.14 19.43 3.87
CA ALA B 402 -5.38 20.73 4.48
C ALA B 402 -4.82 21.84 3.62
N ASP B 403 -3.73 21.54 2.91
CA ASP B 403 -3.11 22.51 2.02
C ASP B 403 -4.01 22.90 0.86
N THR B 404 -4.91 22.01 0.47
CA THR B 404 -5.72 22.23 -0.71
C THR B 404 -7.03 22.99 -0.41
N LEU B 405 -7.32 23.21 0.86
CA LEU B 405 -8.61 23.76 1.25
C LEU B 405 -8.82 25.21 0.84
N GLU B 406 -7.82 26.06 1.03
CA GLU B 406 -7.97 27.47 0.66
C GLU B 406 -8.18 27.66 -0.84
N PRO B 407 -7.33 27.03 -1.69
CA PRO B 407 -7.47 27.09 -3.15
C PRO B 407 -8.80 26.57 -3.65
N LEU B 408 -9.28 25.45 -3.12
CA LEU B 408 -10.60 24.96 -3.50
C LEU B 408 -11.78 25.79 -2.95
N TYR B 409 -11.74 26.14 -1.67
CA TYR B 409 -12.92 26.69 -1.01
C TYR B 409 -12.83 28.12 -0.54
N GLY B 410 -11.66 28.74 -0.67
CA GLY B 410 -11.46 30.09 -0.18
C GLY B 410 -12.49 31.09 -0.68
N ASP B 411 -12.94 30.90 -1.91
CA ASP B 411 -13.86 31.83 -2.55
C ASP B 411 -15.35 31.51 -2.31
N VAL B 412 -15.64 30.34 -1.75
CA VAL B 412 -17.03 29.95 -1.52
C VAL B 412 -17.39 29.88 -0.03
N THR B 413 -16.42 30.05 0.85
CA THR B 413 -16.70 29.88 2.28
C THR B 413 -17.72 30.91 2.79
N ALA B 414 -17.56 32.16 2.36
CA ALA B 414 -18.55 33.20 2.70
C ALA B 414 -19.94 32.80 2.21
N ALA B 415 -20.05 32.34 0.97
CA ALA B 415 -21.35 31.97 0.38
C ALA B 415 -21.97 30.78 1.10
N LEU B 416 -21.12 29.92 1.65
CA LEU B 416 -21.56 28.77 2.47
C LEU B 416 -21.96 29.19 3.88
N GLY B 417 -21.77 30.47 4.20
CA GLY B 417 -22.09 30.98 5.52
C GLY B 417 -21.04 30.65 6.58
N LEU B 418 -19.84 30.27 6.17
CA LEU B 418 -18.80 29.94 7.12
C LEU B 418 -17.83 31.09 7.32
N PRO B 419 -17.23 31.18 8.51
CA PRO B 419 -16.17 32.17 8.70
C PRO B 419 -14.94 31.83 7.86
N GLU B 420 -14.02 32.79 7.79
CA GLU B 420 -12.74 32.57 7.17
C GLU B 420 -12.10 31.27 7.71
N LYS B 421 -11.58 30.44 6.80
CA LYS B 421 -10.97 29.16 7.16
C LYS B 421 -11.96 28.15 7.76
N GLY B 422 -13.25 28.37 7.54
CA GLY B 422 -14.28 27.57 8.18
C GLY B 422 -14.26 26.08 7.85
N VAL B 423 -13.88 25.74 6.63
CA VAL B 423 -13.84 24.32 6.27
C VAL B 423 -12.73 23.64 7.05
N GLU B 424 -11.56 24.28 7.08
CA GLU B 424 -10.44 23.68 7.76
C GLU B 424 -10.75 23.64 9.25
N HIS B 425 -11.42 24.68 9.74
CA HIS B 425 -11.76 24.75 11.17
C HIS B 425 -12.65 23.59 11.58
N VAL B 426 -13.53 23.14 10.67
CA VAL B 426 -14.40 22.00 10.97
C VAL B 426 -13.67 20.67 10.82
N VAL B 427 -12.95 20.50 9.71
CA VAL B 427 -12.21 19.26 9.47
C VAL B 427 -11.21 18.93 10.59
N ARG B 428 -10.46 19.93 11.05
CA ARG B 428 -9.46 19.70 12.07
C ARG B 428 -10.08 19.33 13.42
N HIS B 429 -11.34 19.67 13.61
CA HIS B 429 -12.00 19.39 14.89
C HIS B 429 -12.22 17.90 15.11
N CYS B 430 -12.47 17.17 14.02
CA CYS B 430 -12.72 15.74 14.10
C CYS B 430 -11.60 14.87 13.47
N MET B 431 -10.88 15.38 12.47
CA MET B 431 -9.92 14.58 11.75
C MET B 431 -8.44 14.91 11.99
N ALA B 432 -8.16 15.96 12.75
CA ALA B 432 -6.77 16.37 12.94
C ALA B 432 -5.91 15.20 13.46
N PRO B 433 -4.65 15.12 13.01
CA PRO B 433 -3.80 14.04 13.49
C PRO B 433 -3.54 14.17 14.99
N ARG B 434 -3.57 13.05 15.70
CA ARG B 434 -3.28 13.04 17.14
C ARG B 434 -2.16 12.04 17.48
N PRO B 435 -1.02 12.13 16.77
CA PRO B 435 0.08 11.18 17.06
C PRO B 435 0.62 11.39 18.48
N PRO B 436 0.90 10.29 19.21
CA PRO B 436 1.53 10.43 20.53
C PRO B 436 3.02 10.73 20.42
N THR B 437 3.34 11.94 19.99
CA THR B 437 4.73 12.31 19.71
C THR B 437 5.56 12.39 20.98
N GLU B 438 4.91 12.39 22.14
CA GLU B 438 5.64 12.31 23.40
C GLU B 438 6.51 11.04 23.44
N HIS B 439 6.12 9.99 22.70
CA HIS B 439 6.92 8.76 22.62
C HIS B 439 8.33 9.04 22.12
N VAL B 440 8.46 10.03 21.26
CA VAL B 440 9.76 10.34 20.67
C VAL B 440 10.69 10.80 21.77
N GLY B 441 10.19 11.70 22.62
CA GLY B 441 10.94 12.13 23.77
C GLY B 441 11.23 11.02 24.75
N ALA B 442 10.29 10.09 24.93
CA ALA B 442 10.49 8.96 25.82
C ALA B 442 11.60 8.05 25.30
N ALA B 443 11.59 7.83 23.99
CA ALA B 443 12.58 6.98 23.35
C ALA B 443 13.95 7.60 23.52
N ARG B 444 14.03 8.91 23.37
CA ARG B 444 15.29 9.62 23.59
C ARG B 444 15.80 9.45 25.02
N ALA B 445 14.89 9.58 25.99
CA ALA B 445 15.27 9.39 27.39
C ALA B 445 15.85 7.99 27.61
N ALA B 446 15.21 6.98 27.03
CA ALA B 446 15.69 5.62 27.16
C ALA B 446 17.12 5.45 26.60
N LEU B 447 17.38 6.05 25.44
CA LEU B 447 18.68 5.89 24.78
C LEU B 447 19.76 6.58 25.58
N LEU B 448 19.41 7.75 26.11
CA LEU B 448 20.34 8.51 26.94
C LEU B 448 20.57 7.86 28.29
N ARG B 449 19.62 7.07 28.78
CA ARG B 449 19.86 6.27 29.99
C ARG B 449 20.97 5.27 29.73
N GLU B 450 21.02 4.72 28.52
CA GLU B 450 22.07 3.74 28.21
C GLU B 450 23.41 4.43 28.01
N VAL B 451 23.36 5.63 27.42
CA VAL B 451 24.57 6.42 27.23
C VAL B 451 25.13 6.80 28.59
N ALA B 452 24.24 7.18 29.51
CA ALA B 452 24.65 7.54 30.87
C ALA B 452 25.30 6.36 31.56
N ALA B 453 24.74 5.16 31.37
CA ALA B 453 25.31 3.95 31.96
C ALA B 453 26.69 3.64 31.39
N ALA B 454 26.88 3.90 30.10
CA ALA B 454 28.17 3.65 29.46
C ALA B 454 29.18 4.70 29.90
N GLU B 455 28.70 5.91 30.18
CA GLU B 455 29.58 6.98 30.61
C GLU B 455 30.09 6.70 32.01
N ARG B 456 29.20 6.23 32.87
CA ARG B 456 29.58 5.91 34.23
C ARG B 456 30.55 4.74 34.31
N ARG B 457 30.30 3.70 33.52
CA ARG B 457 31.19 2.53 33.49
C ARG B 457 32.59 2.93 33.02
N ALA B 458 32.65 3.89 32.11
CA ALA B 458 33.93 4.39 31.60
C ALA B 458 34.44 5.56 32.43
N GLY B 459 33.77 5.85 33.53
CA GLY B 459 34.16 6.96 34.39
C GLY B 459 34.19 8.31 33.70
N LEU B 460 33.20 8.57 32.84
CA LEU B 460 33.08 9.86 32.17
C LEU B 460 31.86 10.63 32.66
N ALA B 461 31.87 11.94 32.42
CA ALA B 461 30.74 12.79 32.78
C ALA B 461 30.10 13.29 31.50
N HIS B 462 30.65 12.87 30.38
CA HIS B 462 30.17 13.31 29.08
C HIS B 462 30.92 12.48 28.02
N SER B 463 30.38 12.42 26.82
CA SER B 463 30.98 11.58 25.79
C SER B 463 30.60 12.06 24.40
N ALA B 464 31.46 11.75 23.42
CA ALA B 464 31.14 12.04 22.03
C ALA B 464 29.87 11.30 21.64
N ALA B 465 29.71 10.10 22.18
CA ALA B 465 28.55 9.27 21.89
C ALA B 465 27.25 10.00 22.21
N ARG B 466 27.27 10.79 23.28
CA ARG B 466 26.11 11.56 23.70
C ARG B 466 25.81 12.67 22.69
N GLU B 467 26.85 13.41 22.32
CA GLU B 467 26.67 14.51 21.38
C GLU B 467 26.15 14.00 20.04
N ALA B 468 26.75 12.92 19.54
CA ALA B 468 26.37 12.37 18.25
C ALA B 468 24.92 11.92 18.24
N LEU B 469 24.52 11.17 19.26
CA LEU B 469 23.18 10.60 19.30
C LEU B 469 22.12 11.68 19.49
N ASN B 470 22.43 12.65 20.35
CA ASN B 470 21.56 13.83 20.53
C ASN B 470 21.32 14.54 19.21
N THR B 471 22.39 14.75 18.46
CA THR B 471 22.30 15.42 17.17
C THR B 471 21.40 14.65 16.23
N TRP B 472 21.58 13.32 16.21
CA TRP B 472 20.82 12.46 15.31
C TRP B 472 19.34 12.40 15.67
N LEU B 473 19.05 12.33 16.97
CA LEU B 473 17.68 12.25 17.44
C LEU B 473 16.96 13.55 17.20
N ALA B 474 17.67 14.66 17.42
CA ALA B 474 17.12 15.98 17.19
C ALA B 474 16.82 16.18 15.72
N PHE B 475 17.69 15.66 14.85
CA PHE B 475 17.45 15.75 13.42
C PHE B 475 16.20 14.96 13.04
N ARG B 476 16.09 13.72 13.54
CA ARG B 476 14.89 12.91 13.30
C ARG B 476 13.64 13.62 13.81
N ALA B 477 13.71 14.12 15.03
CA ALA B 477 12.54 14.72 15.69
C ALA B 477 12.11 15.98 14.96
N GLN B 478 13.08 16.80 14.58
CA GLN B 478 12.78 18.04 13.88
C GLN B 478 12.29 17.76 12.47
N SER B 479 13.04 16.98 11.70
CA SER B 479 12.73 16.76 10.30
C SER B 479 11.48 15.90 10.06
N ARG B 480 11.12 15.07 11.04
CA ARG B 480 9.98 14.18 10.86
C ARG B 480 8.73 14.71 11.54
N TRP B 481 8.88 15.19 12.77
CA TRP B 481 7.73 15.55 13.57
C TRP B 481 7.62 17.06 13.77
N GLY B 482 8.60 17.80 13.25
CA GLY B 482 8.65 19.23 13.45
C GLY B 482 8.64 19.63 14.92
N LEU B 483 9.32 18.85 15.77
CA LEU B 483 9.41 19.21 17.18
C LEU B 483 10.82 19.11 17.73
#